data_3BFK
#
_entry.id   3BFK
#
_cell.length_a   83.490
_cell.length_b   48.371
_cell.length_c   119.236
_cell.angle_alpha   90.000
_cell.angle_beta   92.360
_cell.angle_gamma   90.000
#
_symmetry.space_group_name_H-M   'P 1 21 1'
#
loop_
_entity.id
_entity.type
_entity.pdbx_description
1 polymer 'Small GTPase Rab11'
2 non-polymer "GUANOSINE-5'-DIPHOSPHATE"
3 non-polymer GLYCEROL
4 water water
#
_entity_poly.entity_id   1
_entity_poly.type   'polypeptide(L)'
_entity_poly.pdbx_seq_one_letter_code
;GDYYDYLFKIVLIGDSGVGKSNLLSRFTRDEFNLESKSTIGVEFATKSIQLKNNKIIKAQIWDTAGQERYRAITSAYYRG
AVGALLVYDITKKNSFENIEKWLKELRDNADSNIVILLVGNKSDLKHLRVINDNDATQYAKKEKLAFIETSALEATNVEL
AFHQLLNEIYNVRQKKQATKN
;
_entity_poly.pdbx_strand_id   A,B,C,D,E
#
# COMPACT_ATOMS: atom_id res chain seq x y z
N ASP A 2 22.79 28.22 -6.32
CA ASP A 2 23.65 28.10 -5.18
C ASP A 2 23.69 29.43 -4.55
N TYR A 3 23.63 29.45 -3.26
CA TYR A 3 24.76 29.86 -2.54
C TYR A 3 24.83 28.64 -1.68
N TYR A 4 26.01 28.26 -1.27
CA TYR A 4 26.16 27.40 -0.12
C TYR A 4 27.38 27.81 0.66
N ASP A 5 27.29 27.81 1.97
CA ASP A 5 28.40 28.12 2.82
C ASP A 5 29.42 26.97 2.97
N TYR A 6 28.98 25.72 2.84
CA TYR A 6 29.84 24.55 3.08
CA TYR A 6 29.88 24.58 3.01
C TYR A 6 29.54 23.40 2.11
N LEU A 7 30.57 22.72 1.60
CA LEU A 7 30.39 21.50 0.81
CA LEU A 7 30.39 21.50 0.81
C LEU A 7 30.89 20.31 1.64
N PHE A 8 29.98 19.40 2.01
CA PHE A 8 30.33 18.19 2.76
C PHE A 8 30.25 16.95 1.88
N LYS A 9 31.41 16.31 1.61
CA LYS A 9 31.45 15.00 0.93
C LYS A 9 31.07 13.85 1.89
N ILE A 10 30.09 13.07 1.45
CA ILE A 10 29.57 11.89 2.16
C ILE A 10 29.70 10.63 1.27
N VAL A 11 30.22 9.54 1.83
CA VAL A 11 30.28 8.26 1.12
C VAL A 11 29.30 7.19 1.71
N LEU A 12 28.55 6.51 0.84
CA LEU A 12 27.74 5.32 1.21
C LEU A 12 28.61 4.07 0.97
N ILE A 13 28.61 3.15 1.92
CA ILE A 13 29.44 1.93 1.88
C ILE A 13 28.66 0.72 2.44
N GLY A 14 28.79 -0.43 1.80
CA GLY A 14 28.12 -1.66 2.25
C GLY A 14 28.00 -2.68 1.13
N ASP A 15 27.55 -3.90 1.46
CA ASP A 15 27.41 -4.96 0.46
C ASP A 15 26.48 -4.55 -0.68
N SER A 16 26.74 -5.13 -1.85
CA SER A 16 25.84 -4.98 -3.00
CA SER A 16 25.84 -4.98 -3.00
C SER A 16 24.44 -5.46 -2.61
N GLY A 17 23.42 -4.77 -3.11
CA GLY A 17 22.01 -5.13 -2.89
C GLY A 17 21.32 -4.67 -1.61
N VAL A 18 22.01 -3.91 -0.76
CA VAL A 18 21.43 -3.43 0.53
C VAL A 18 20.50 -2.18 0.41
N GLY A 19 20.66 -1.42 -0.67
CA GLY A 19 19.81 -0.25 -0.95
C GLY A 19 20.51 1.11 -1.06
N LYS A 20 21.83 1.09 -1.21
CA LYS A 20 22.66 2.33 -1.29
C LYS A 20 22.25 3.32 -2.41
N SER A 21 22.10 2.83 -3.64
CA SER A 21 21.76 3.74 -4.75
C SER A 21 20.38 4.40 -4.56
N ASN A 22 19.44 3.65 -3.99
CA ASN A 22 18.10 4.14 -3.71
C ASN A 22 18.04 5.05 -2.45
N LEU A 23 18.94 4.85 -1.49
CA LEU A 23 19.09 5.84 -0.43
C LEU A 23 19.52 7.15 -1.06
N LEU A 24 20.47 7.08 -1.99
CA LEU A 24 20.98 8.26 -2.68
CA LEU A 24 20.99 8.26 -2.65
C LEU A 24 19.88 8.95 -3.45
N SER A 25 19.15 8.20 -4.26
CA SER A 25 18.10 8.80 -5.10
C SER A 25 16.88 9.30 -4.27
N ARG A 26 16.57 8.64 -3.17
CA ARG A 26 15.45 9.10 -2.32
C ARG A 26 15.75 10.46 -1.68
N PHE A 27 16.89 10.57 -1.01
CA PHE A 27 17.30 11.82 -0.37
C PHE A 27 17.51 12.99 -1.34
N THR A 28 18.22 12.77 -2.44
CA THR A 28 18.59 13.87 -3.34
C THR A 28 17.50 14.29 -4.34
N ARG A 29 16.71 13.35 -4.87
CA ARG A 29 15.67 13.73 -5.86
CA ARG A 29 15.70 13.66 -5.91
C ARG A 29 14.29 13.15 -5.56
N ASP A 30 14.12 12.59 -4.37
CA ASP A 30 12.86 12.00 -3.93
C ASP A 30 12.33 10.98 -4.94
N GLU A 31 13.23 10.11 -5.42
CA GLU A 31 12.91 9.05 -6.38
C GLU A 31 13.43 7.68 -5.92
N PHE A 32 12.77 6.64 -6.42
CA PHE A 32 13.10 5.25 -6.11
C PHE A 32 13.01 4.44 -7.40
N ASN A 33 13.94 3.51 -7.57
CA ASN A 33 13.90 2.56 -8.68
C ASN A 33 13.85 1.10 -8.25
N LEU A 34 12.86 0.40 -8.77
CA LEU A 34 12.51 -0.95 -8.34
C LEU A 34 13.51 -1.99 -8.86
N GLY A 41 30.22 3.60 -13.41
CA GLY A 41 31.00 3.03 -12.32
C GLY A 41 30.67 3.60 -10.93
N VAL A 42 31.19 4.78 -10.64
CA VAL A 42 30.97 5.49 -9.39
C VAL A 42 29.98 6.62 -9.68
N GLU A 43 29.01 6.88 -8.79
CA GLU A 43 28.11 8.03 -9.02
C GLU A 43 27.98 8.93 -7.80
N PHE A 44 27.56 10.16 -8.06
CA PHE A 44 27.29 11.14 -7.02
C PHE A 44 26.01 11.95 -7.33
N ALA A 45 25.42 12.52 -6.28
CA ALA A 45 24.34 13.50 -6.43
C ALA A 45 24.44 14.53 -5.29
N THR A 46 23.76 15.67 -5.45
CA THR A 46 23.82 16.76 -4.46
C THR A 46 22.43 17.21 -3.97
N LYS A 47 22.41 17.78 -2.77
CA LYS A 47 21.21 18.37 -2.20
C LYS A 47 21.60 19.35 -1.11
N SER A 48 20.93 20.51 -1.07
CA SER A 48 21.28 21.54 -0.10
C SER A 48 20.24 21.60 1.03
N ILE A 49 20.72 21.80 2.28
CA ILE A 49 19.86 22.06 3.43
C ILE A 49 20.27 23.39 4.09
N GLN A 50 19.38 23.95 4.91
CA GLN A 50 19.65 25.22 5.62
C GLN A 50 19.35 25.07 7.11
N LEU A 51 20.27 25.57 7.95
CA LEU A 51 20.14 25.47 9.41
C LEU A 51 19.41 26.67 10.02
N ASN A 53 20.39 29.10 11.79
CA ASN A 53 21.24 30.30 11.68
C ASN A 53 21.48 30.74 10.22
N ASN A 54 20.61 30.27 9.31
CA ASN A 54 20.63 30.58 7.87
C ASN A 54 21.78 29.97 7.04
N LYS A 55 22.66 29.18 7.68
CA LYS A 55 23.84 28.58 7.02
C LYS A 55 23.46 27.39 6.15
N ILE A 56 23.92 27.42 4.90
CA ILE A 56 23.52 26.46 3.86
C ILE A 56 24.62 25.43 3.57
N ILE A 57 24.25 24.14 3.67
CA ILE A 57 25.17 23.03 3.46
C ILE A 57 24.78 22.29 2.20
N LYS A 58 25.73 22.13 1.28
CA LYS A 58 25.56 21.28 0.10
C LYS A 58 26.18 19.91 0.40
N ALA A 59 25.31 18.91 0.53
CA ALA A 59 25.72 17.52 0.69
C ALA A 59 26.05 16.94 -0.69
N GLN A 60 27.26 16.41 -0.85
CA GLN A 60 27.71 15.74 -2.08
C GLN A 60 27.89 14.26 -1.75
N ILE A 61 26.93 13.44 -2.18
CA ILE A 61 26.83 12.06 -1.72
C ILE A 61 27.19 11.07 -2.84
N TRP A 62 28.00 10.07 -2.48
CA TRP A 62 28.64 9.13 -3.41
C TRP A 62 28.26 7.68 -3.11
N ASP A 63 28.16 6.88 -4.16
CA ASP A 63 28.19 5.43 -3.97
C ASP A 63 28.87 4.73 -5.15
N THR A 64 29.19 3.45 -4.98
CA THR A 64 29.84 2.71 -6.06
C THR A 64 28.98 1.52 -6.47
N ALA A 65 29.21 1.01 -7.68
CA ALA A 65 28.55 -0.21 -8.13
C ALA A 65 29.29 -1.44 -7.59
N ILE A 73 40.50 2.67 -6.94
CA ILE A 73 40.12 4.04 -6.56
C ILE A 73 39.73 4.19 -5.08
N THR A 74 40.09 3.22 -4.23
CA THR A 74 39.70 3.28 -2.80
C THR A 74 40.27 4.53 -2.14
N SER A 75 41.55 4.79 -2.35
CA SER A 75 42.17 5.98 -1.78
C SER A 75 41.47 7.24 -2.31
N ALA A 76 41.21 7.26 -3.62
CA ALA A 76 40.56 8.41 -4.25
C ALA A 76 39.10 8.56 -3.81
N TYR A 77 38.40 7.45 -3.67
CA TYR A 77 36.99 7.45 -3.25
C TYR A 77 36.77 8.09 -1.87
N TYR A 78 37.63 7.73 -0.91
CA TYR A 78 37.49 8.20 0.48
C TYR A 78 38.05 9.60 0.73
N ARG A 79 39.04 10.00 -0.08
CA ARG A 79 39.76 11.27 0.10
C ARG A 79 38.84 12.49 0.18
N GLY A 80 39.00 13.27 1.24
CA GLY A 80 38.15 14.43 1.46
C GLY A 80 36.78 14.15 2.07
N ALA A 81 36.39 12.89 2.23
CA ALA A 81 35.08 12.59 2.83
C ALA A 81 35.07 13.06 4.30
N VAL A 82 33.99 13.76 4.68
CA VAL A 82 33.75 14.19 6.07
C VAL A 82 32.63 13.40 6.80
N GLY A 83 31.84 12.62 6.04
CA GLY A 83 30.83 11.72 6.63
C GLY A 83 30.67 10.43 5.83
N ALA A 84 30.07 9.40 6.47
CA ALA A 84 29.75 8.13 5.80
C ALA A 84 28.54 7.47 6.44
N LEU A 85 27.73 6.78 5.63
CA LEU A 85 26.71 5.85 6.09
C LEU A 85 27.25 4.44 5.81
N LEU A 86 27.30 3.62 6.87
CA LEU A 86 27.57 2.17 6.77
C LEU A 86 26.22 1.42 6.68
N VAL A 87 25.93 0.85 5.51
CA VAL A 87 24.59 0.32 5.26
C VAL A 87 24.52 -1.22 5.19
N TYR A 88 23.57 -1.82 5.92
CA TYR A 88 23.19 -3.24 5.75
C TYR A 88 21.68 -3.41 5.43
N ASP A 89 21.30 -4.65 5.18
CA ASP A 89 19.90 -5.05 4.90
C ASP A 89 19.39 -5.84 6.10
N ILE A 90 18.33 -5.37 6.76
CA ILE A 90 17.86 -6.03 7.99
C ILE A 90 17.38 -7.48 7.75
N THR A 91 17.17 -7.85 6.48
CA THR A 91 16.72 -9.20 6.09
C THR A 91 17.87 -10.14 5.71
N LYS A 92 19.10 -9.63 5.67
CA LYS A 92 20.25 -10.43 5.18
C LYS A 92 21.36 -10.44 6.20
N LYS A 93 21.52 -11.55 6.92
CA LYS A 93 22.49 -11.64 8.03
C LYS A 93 23.94 -11.33 7.59
N ASN A 94 24.31 -11.82 6.41
CA ASN A 94 25.64 -11.59 5.87
C ASN A 94 26.02 -10.12 5.69
N SER A 95 25.05 -9.30 5.27
CA SER A 95 25.26 -7.86 5.12
C SER A 95 25.63 -7.17 6.43
N PHE A 96 25.06 -7.64 7.55
CA PHE A 96 25.34 -7.09 8.88
C PHE A 96 26.68 -7.58 9.42
N GLU A 97 26.96 -8.86 9.20
CA GLU A 97 28.27 -9.42 9.55
C GLU A 97 29.42 -8.72 8.83
N ASN A 98 29.24 -8.40 7.55
CA ASN A 98 30.25 -7.73 6.72
C ASN A 98 30.53 -6.24 7.07
N ILE A 99 29.72 -5.65 7.97
CA ILE A 99 29.92 -4.25 8.42
C ILE A 99 31.30 -3.99 9.08
N GLU A 100 31.81 -4.95 9.85
CA GLU A 100 33.13 -4.79 10.44
C GLU A 100 34.21 -4.54 9.39
N LYS A 101 34.11 -5.25 8.28
CA LYS A 101 35.08 -5.14 7.17
C LYS A 101 35.04 -3.79 6.47
N TRP A 102 33.82 -3.31 6.20
CA TRP A 102 33.63 -1.99 5.61
C TRP A 102 34.12 -0.90 6.54
N LEU A 103 33.87 -1.04 7.83
CA LEU A 103 34.37 -0.08 8.83
C LEU A 103 35.90 -0.07 8.84
N LYS A 104 36.51 -1.25 8.76
CA LYS A 104 37.96 -1.39 8.67
C LYS A 104 38.53 -0.65 7.44
N GLU A 105 37.94 -0.89 6.27
CA GLU A 105 38.36 -0.21 5.02
C GLU A 105 38.27 1.32 5.15
N LEU A 106 37.20 1.78 5.77
CA LEU A 106 36.98 3.20 6.07
C LEU A 106 38.06 3.77 6.99
N ARG A 107 38.35 3.09 8.09
CA ARG A 107 39.39 3.50 9.04
C ARG A 107 40.80 3.55 8.41
N ASP A 108 41.08 2.62 7.50
CA ASP A 108 42.36 2.60 6.80
C ASP A 108 42.54 3.76 5.79
N ASN A 109 41.44 4.37 5.34
CA ASN A 109 41.46 5.30 4.18
C ASN A 109 40.87 6.68 4.38
N ALA A 110 40.16 6.90 5.49
CA ALA A 110 39.44 8.15 5.75
C ALA A 110 40.11 9.02 6.82
N ASP A 111 39.75 10.30 6.82
CA ASP A 111 40.17 11.23 7.87
C ASP A 111 39.70 10.76 9.24
N SER A 112 40.54 11.01 10.25
CA SER A 112 40.28 10.54 11.62
C SER A 112 39.03 11.13 12.26
N ASN A 113 38.62 12.31 11.81
CA ASN A 113 37.44 12.97 12.37
C ASN A 113 36.17 12.75 11.53
N ILE A 114 36.22 11.81 10.59
CA ILE A 114 35.04 11.44 9.79
C ILE A 114 33.89 11.03 10.72
N VAL A 115 32.68 11.50 10.41
CA VAL A 115 31.45 11.16 11.14
C VAL A 115 30.75 9.97 10.46
N ILE A 116 30.45 8.91 11.23
CA ILE A 116 29.93 7.66 10.67
C ILE A 116 28.57 7.29 11.32
N LEU A 117 27.58 6.88 10.50
CA LEU A 117 26.28 6.42 11.03
C LEU A 117 25.96 5.02 10.47
N LEU A 118 25.54 4.11 11.35
CA LEU A 118 25.06 2.78 10.97
C LEU A 118 23.59 2.84 10.54
N VAL A 119 23.30 2.32 9.36
CA VAL A 119 21.95 2.27 8.82
C VAL A 119 21.50 0.84 8.46
N GLY A 120 20.38 0.42 9.02
CA GLY A 120 19.72 -0.85 8.65
C GLY A 120 18.58 -0.55 7.69
N ASN A 121 18.76 -0.86 6.41
CA ASN A 121 17.73 -0.57 5.40
C ASN A 121 16.75 -1.74 5.16
N LYS A 122 15.68 -1.44 4.42
CA LYS A 122 14.59 -2.34 4.11
C LYS A 122 13.68 -2.65 5.30
N SER A 123 13.47 -1.67 6.18
CA SER A 123 12.64 -1.87 7.37
C SER A 123 11.16 -2.20 7.06
N ASP A 124 10.70 -1.84 5.86
CA ASP A 124 9.37 -2.25 5.38
C ASP A 124 9.16 -3.76 5.19
N LEU A 125 10.22 -4.53 5.12
CA LEU A 125 10.14 -6.00 4.97
C LEU A 125 10.02 -6.64 6.37
N LYS A 126 8.94 -6.28 7.06
CA LYS A 126 8.71 -6.56 8.50
C LYS A 126 8.81 -8.05 8.86
N HIS A 127 8.22 -8.88 8.02
CA HIS A 127 8.11 -10.33 8.22
C HIS A 127 9.37 -11.12 7.79
N LEU A 128 10.35 -10.45 7.18
CA LEU A 128 11.60 -11.08 6.74
C LEU A 128 12.84 -10.68 7.59
N ARG A 129 12.62 -9.98 8.71
CA ARG A 129 13.73 -9.50 9.53
C ARG A 129 14.53 -10.64 10.15
N VAL A 130 15.86 -10.56 10.04
CA VAL A 130 16.77 -11.46 10.74
C VAL A 130 17.72 -10.74 11.71
N ILE A 131 17.84 -9.42 11.61
CA ILE A 131 18.69 -8.65 12.52
C ILE A 131 17.80 -7.86 13.46
N ASN A 132 17.89 -8.15 14.74
CA ASN A 132 17.02 -7.49 15.73
C ASN A 132 17.65 -6.15 16.13
N ASP A 133 16.82 -5.11 16.35
CA ASP A 133 17.34 -3.76 16.56
C ASP A 133 18.20 -3.63 17.83
N ASN A 134 17.95 -4.40 18.90
CA ASN A 134 18.85 -4.33 20.07
CA ASN A 134 18.83 -4.34 20.08
C ASN A 134 20.27 -4.84 19.78
N ASP A 135 20.40 -5.83 18.89
CA ASP A 135 21.71 -6.38 18.52
C ASP A 135 22.52 -5.39 17.66
N ALA A 136 21.83 -4.71 16.75
CA ALA A 136 22.45 -3.64 15.96
C ALA A 136 22.86 -2.45 16.84
N THR A 137 21.98 -2.03 17.78
CA THR A 137 22.29 -0.96 18.73
C THR A 137 23.51 -1.27 19.62
N GLN A 138 23.59 -2.52 20.09
CA GLN A 138 24.75 -3.01 20.84
C GLN A 138 26.06 -2.82 20.07
N TYR A 139 26.07 -3.23 18.81
CA TYR A 139 27.26 -3.07 17.95
C TYR A 139 27.62 -1.56 17.76
N ALA A 140 26.63 -0.75 17.40
CA ALA A 140 26.84 0.68 17.22
C ALA A 140 27.47 1.32 18.45
N LYS A 141 26.96 1.00 19.63
CA LYS A 141 27.47 1.59 20.89
C LYS A 141 28.94 1.19 21.11
N LYS A 142 29.25 -0.10 20.87
CA LYS A 142 30.63 -0.59 20.90
C LYS A 142 31.54 0.20 19.99
N GLU A 143 31.07 0.53 18.78
CA GLU A 143 31.88 1.31 17.82
C GLU A 143 31.67 2.82 17.97
N LYS A 144 30.87 3.21 18.95
CA LYS A 144 30.58 4.60 19.27
C LYS A 144 29.91 5.34 18.09
N LEU A 145 28.90 4.70 17.49
CA LEU A 145 28.12 5.24 16.36
C LEU A 145 26.63 5.31 16.70
N ALA A 146 25.90 6.25 16.07
CA ALA A 146 24.44 6.23 16.06
C ALA A 146 23.95 5.16 15.08
N PHE A 147 22.78 4.61 15.39
CA PHE A 147 22.09 3.62 14.55
C PHE A 147 20.62 3.95 14.29
N ILE A 148 20.23 3.90 13.01
CA ILE A 148 18.86 4.15 12.59
CA ILE A 148 18.88 4.19 12.55
C ILE A 148 18.45 3.16 11.49
N GLU A 149 17.20 2.69 11.54
CA GLU A 149 16.63 1.83 10.48
C GLU A 149 15.87 2.69 9.47
N THR A 150 16.01 2.37 8.18
CA THR A 150 15.40 3.16 7.08
C THR A 150 14.60 2.25 6.14
N SER A 151 13.73 2.86 5.33
CA SER A 151 13.16 2.23 4.13
C SER A 151 13.28 3.19 2.96
N ALA A 152 14.23 2.94 2.05
CA ALA A 152 14.34 3.81 0.88
C ALA A 152 13.06 3.71 0.06
N LEU A 153 12.39 2.55 0.09
CA LEU A 153 11.15 2.35 -0.68
C LEU A 153 10.01 3.22 -0.18
N GLU A 154 9.72 3.16 1.13
CA GLU A 154 8.64 3.96 1.72
C GLU A 154 9.05 5.36 2.26
N ALA A 155 10.33 5.71 2.10
CA ALA A 155 10.98 6.97 2.58
C ALA A 155 11.25 7.08 4.09
N THR A 156 10.84 6.05 4.85
CA THR A 156 10.90 6.04 6.31
C THR A 156 12.31 6.33 6.88
N ASN A 157 12.45 7.46 7.62
CA ASN A 157 13.68 7.82 8.35
C ASN A 157 14.89 8.23 7.45
N VAL A 158 14.63 8.44 6.16
CA VAL A 158 15.71 8.77 5.22
C VAL A 158 16.22 10.18 5.51
N GLU A 159 15.31 11.14 5.63
CA GLU A 159 15.66 12.52 6.01
C GLU A 159 16.27 12.56 7.40
N LEU A 160 15.69 11.82 8.36
CA LEU A 160 16.27 11.75 9.71
C LEU A 160 17.75 11.33 9.69
N ALA A 161 18.09 10.27 8.95
CA ALA A 161 19.46 9.73 8.89
C ALA A 161 20.47 10.71 8.27
N PHE A 162 20.13 11.26 7.12
CA PHE A 162 21.03 12.23 6.43
C PHE A 162 21.19 13.55 7.21
N HIS A 163 20.09 14.10 7.75
CA HIS A 163 20.15 15.32 8.56
C HIS A 163 20.91 15.17 9.89
N GLN A 164 20.80 14.02 10.56
CA GLN A 164 21.61 13.70 11.77
C GLN A 164 23.10 13.74 11.43
N LEU A 165 23.46 13.09 10.32
CA LEU A 165 24.83 13.08 9.81
C LEU A 165 25.35 14.46 9.46
N LEU A 166 24.60 15.21 8.65
CA LEU A 166 25.02 16.57 8.26
C LEU A 166 25.13 17.57 9.43
N ASN A 167 24.22 17.52 10.39
CA ASN A 167 24.30 18.46 11.51
C ASN A 167 25.49 18.12 12.42
N GLU A 168 25.79 16.84 12.58
CA GLU A 168 26.91 16.43 13.40
C GLU A 168 28.27 16.81 12.77
N ILE A 169 28.37 16.71 11.45
CA ILE A 169 29.58 17.15 10.73
C ILE A 169 29.81 18.65 10.94
N TYR A 170 28.74 19.45 10.83
CA TYR A 170 28.78 20.91 11.09
C TYR A 170 29.27 21.22 12.52
N ASN A 171 28.73 20.51 13.51
CA ASN A 171 29.18 20.64 14.90
C ASN A 171 30.64 20.25 15.11
N VAL A 172 31.06 19.12 14.55
CA VAL A 172 32.47 18.69 14.58
C VAL A 172 33.40 19.71 13.89
N ARG A 173 32.92 20.29 12.79
CA ARG A 173 33.69 21.28 12.04
CA ARG A 173 33.64 21.32 12.02
C ARG A 173 33.79 22.60 12.82
N GLN A 174 32.68 23.03 13.42
CA GLN A 174 32.65 24.28 14.20
C GLN A 174 33.25 24.08 15.58
N TYR B 3 4.92 -10.25 14.70
CA TYR B 3 3.68 -9.56 14.21
C TYR B 3 3.15 -8.49 15.17
N TYR B 4 2.65 -7.38 14.62
CA TYR B 4 1.86 -6.40 15.37
C TYR B 4 0.76 -5.81 14.51
N ASP B 5 -0.29 -5.35 15.17
CA ASP B 5 -1.39 -4.65 14.52
C ASP B 5 -1.05 -3.19 14.21
N TYR B 6 -0.52 -2.48 15.21
CA TYR B 6 -0.17 -1.07 15.09
CA TYR B 6 -0.19 -1.06 15.10
C TYR B 6 1.27 -0.81 15.56
N LEU B 7 1.98 0.10 14.88
CA LEU B 7 3.30 0.62 15.32
C LEU B 7 3.07 2.04 15.89
N PHE B 8 3.46 2.29 17.13
CA PHE B 8 3.23 3.60 17.78
C PHE B 8 4.57 4.26 18.11
N LYS B 9 4.89 5.33 17.40
CA LYS B 9 6.16 6.08 17.63
C LYS B 9 6.02 7.06 18.80
N ILE B 10 6.90 6.95 19.79
CA ILE B 10 6.89 7.80 21.00
C ILE B 10 8.27 8.51 21.12
N VAL B 11 8.29 9.82 21.31
CA VAL B 11 9.54 10.58 21.40
C VAL B 11 9.73 11.11 22.83
N LEU B 12 10.94 10.97 23.37
CA LEU B 12 11.30 11.54 24.67
C LEU B 12 12.00 12.88 24.43
N ILE B 13 11.58 13.91 25.15
CA ILE B 13 12.20 15.24 25.04
C ILE B 13 12.48 15.86 26.41
N GLY B 14 13.53 16.66 26.48
CA GLY B 14 13.95 17.32 27.74
C GLY B 14 15.44 17.60 27.81
N ASP B 15 15.86 18.38 28.82
CA ASP B 15 17.27 18.71 29.02
C ASP B 15 18.17 17.46 29.13
N SER B 16 19.42 17.60 28.69
CA SER B 16 20.42 16.56 28.89
C SER B 16 20.61 16.26 30.38
N GLY B 17 20.72 14.96 30.69
CA GLY B 17 21.01 14.43 32.02
C GLY B 17 19.80 14.17 32.94
N VAL B 18 18.58 14.33 32.43
CA VAL B 18 17.34 14.20 33.22
C VAL B 18 16.92 12.73 33.40
N GLY B 19 17.45 11.83 32.54
CA GLY B 19 17.20 10.39 32.60
C GLY B 19 16.44 9.80 31.41
N LYS B 20 16.41 10.50 30.28
CA LYS B 20 15.66 10.01 29.07
C LYS B 20 16.14 8.63 28.57
N SER B 21 17.46 8.48 28.43
CA SER B 21 18.03 7.22 27.91
C SER B 21 17.75 6.07 28.87
N ASN B 22 17.73 6.34 30.19
CA ASN B 22 17.41 5.29 31.19
C ASN B 22 15.91 4.94 31.36
N LEU B 23 15.03 5.89 31.09
CA LEU B 23 13.61 5.59 30.98
C LEU B 23 13.41 4.62 29.78
N LEU B 24 14.10 4.87 28.68
CA LEU B 24 14.06 3.99 27.48
C LEU B 24 14.56 2.56 27.78
N SER B 25 15.71 2.46 28.43
CA SER B 25 16.33 1.13 28.68
C SER B 25 15.55 0.35 29.74
N ARG B 26 15.01 1.06 30.73
CA ARG B 26 14.24 0.41 31.80
C ARG B 26 12.94 -0.17 31.24
N PHE B 27 12.21 0.61 30.45
CA PHE B 27 10.96 0.12 29.86
C PHE B 27 11.15 -0.98 28.82
N THR B 28 12.13 -0.83 27.94
CA THR B 28 12.27 -1.74 26.80
C THR B 28 12.99 -3.06 27.14
N ARG B 29 14.02 -3.02 27.99
CA ARG B 29 14.77 -4.24 28.35
CA ARG B 29 14.80 -4.22 28.34
C ARG B 29 15.11 -4.41 29.84
N ASP B 30 14.47 -3.62 30.71
CA ASP B 30 14.68 -3.72 32.17
C ASP B 30 16.17 -3.55 32.54
N GLU B 31 16.81 -2.57 31.92
CA GLU B 31 18.22 -2.24 32.16
C GLU B 31 18.42 -0.77 32.54
N PHE B 32 19.50 -0.50 33.27
CA PHE B 32 19.82 0.85 33.77
C PHE B 32 21.34 1.06 33.73
N ASN B 33 21.78 2.29 33.45
CA ASN B 33 23.20 2.65 33.36
C ASN B 33 23.53 3.83 34.27
N LEU B 34 24.45 3.60 35.20
CA LEU B 34 24.88 4.61 36.16
C LEU B 34 25.72 5.74 35.55
N GLU B 35 26.37 5.50 34.41
CA GLU B 35 27.17 6.54 33.76
C GLU B 35 26.28 7.48 32.97
N SER B 36 26.65 8.76 32.93
CA SER B 36 25.86 9.75 32.19
C SER B 36 26.26 9.75 30.71
N LYS B 37 25.34 10.20 29.86
CA LYS B 37 25.61 10.42 28.45
C LYS B 37 25.93 9.16 27.67
N SER B 38 25.08 8.13 27.80
CA SER B 38 25.30 6.89 27.06
C SER B 38 24.78 6.93 25.60
N THR B 39 23.81 7.81 25.32
CA THR B 39 23.31 7.99 23.94
C THR B 39 24.37 8.62 23.02
N ILE B 40 24.61 7.98 21.87
CA ILE B 40 25.40 8.61 20.80
C ILE B 40 24.50 9.19 19.70
N GLY B 41 24.38 10.52 19.66
CA GLY B 41 23.54 11.22 18.70
C GLY B 41 22.02 11.10 18.91
N VAL B 42 21.44 10.03 18.39
CA VAL B 42 20.02 9.69 18.56
C VAL B 42 19.94 8.16 18.68
N GLU B 43 18.94 7.66 19.41
CA GLU B 43 18.71 6.22 19.51
C GLU B 43 17.23 5.89 19.60
N PHE B 44 16.92 4.61 19.34
CA PHE B 44 15.56 4.07 19.49
C PHE B 44 15.63 2.61 20.03
N ALA B 45 14.54 2.15 20.62
CA ALA B 45 14.35 0.77 21.00
C ALA B 45 12.88 0.44 20.92
N THR B 46 12.57 -0.86 20.89
CA THR B 46 11.21 -1.33 20.66
C THR B 46 10.73 -2.31 21.75
N LYS B 47 9.41 -2.33 21.99
CA LYS B 47 8.76 -3.33 22.86
C LYS B 47 7.32 -3.57 22.39
N SER B 48 6.94 -4.85 22.28
CA SER B 48 5.58 -5.23 21.86
C SER B 48 4.71 -5.47 23.08
N ILE B 49 3.50 -4.92 23.04
CA ILE B 49 2.58 -4.94 24.16
C ILE B 49 1.23 -5.48 23.71
N GLN B 50 0.66 -6.33 24.56
CA GLN B 50 -0.64 -6.94 24.36
CA GLN B 50 -0.65 -6.92 24.34
C GLN B 50 -1.72 -6.02 24.97
N LEU B 51 -2.51 -5.36 24.13
CA LEU B 51 -3.54 -4.44 24.61
C LEU B 51 -4.89 -5.18 24.62
N LYS B 52 -5.99 -4.49 24.91
CA LYS B 52 -7.27 -5.18 24.92
C LYS B 52 -7.76 -5.44 23.48
N ASN B 53 -8.79 -6.27 23.42
CA ASN B 53 -9.45 -6.61 22.15
CA ASN B 53 -9.49 -6.74 22.22
C ASN B 53 -8.57 -7.52 21.28
N ASN B 54 -7.62 -8.23 21.91
CA ASN B 54 -6.67 -9.10 21.19
C ASN B 54 -5.76 -8.36 20.22
N LYS B 55 -5.50 -7.07 20.48
CA LYS B 55 -4.64 -6.25 19.60
C LYS B 55 -3.21 -6.18 20.16
N ILE B 56 -2.23 -6.20 19.26
CA ILE B 56 -0.79 -6.15 19.62
C ILE B 56 -0.17 -4.85 19.06
N ILE B 57 0.42 -4.05 19.94
CA ILE B 57 1.06 -2.78 19.58
C ILE B 57 2.58 -2.97 19.65
N LYS B 58 3.31 -2.41 18.69
CA LYS B 58 4.76 -2.30 18.83
C LYS B 58 5.08 -0.84 19.18
N ALA B 59 5.60 -0.63 20.39
CA ALA B 59 6.03 0.69 20.81
C ALA B 59 7.47 0.93 20.31
N GLN B 60 7.68 2.07 19.66
CA GLN B 60 9.00 2.46 19.13
C GLN B 60 9.40 3.81 19.76
N ILE B 61 10.35 3.75 20.67
CA ILE B 61 10.66 4.86 21.56
C ILE B 61 12.02 5.48 21.22
N TRP B 62 12.09 6.82 21.28
CA TRP B 62 13.25 7.62 20.74
C TRP B 62 13.78 8.61 21.81
N ASP B 63 15.10 8.82 21.82
CA ASP B 63 15.73 9.94 22.53
C ASP B 63 16.96 10.46 21.78
N THR B 64 17.34 11.70 22.04
CA THR B 64 18.54 12.33 21.44
C THR B 64 19.52 12.81 22.51
N ALA B 65 20.80 12.82 22.17
CA ALA B 65 21.84 13.43 22.99
C ALA B 65 21.81 14.92 22.74
N GLY B 66 22.48 15.68 23.59
CA GLY B 66 22.56 17.13 23.40
C GLY B 66 21.31 17.81 23.88
N GLN B 67 21.12 19.06 23.48
CA GLN B 67 20.04 19.83 24.06
C GLN B 67 19.55 21.03 23.22
N GLU B 68 19.80 21.01 21.91
CA GLU B 68 19.49 22.17 21.05
C GLU B 68 18.14 21.97 20.38
N ARG B 69 17.27 22.97 20.48
CA ARG B 69 15.96 22.92 19.80
C ARG B 69 16.08 23.42 18.35
N TYR B 70 15.16 23.00 17.48
CA TYR B 70 15.07 23.53 16.10
C TYR B 70 16.34 23.30 15.30
N ARG B 71 16.85 22.07 15.35
CA ARG B 71 18.05 21.70 14.58
C ARG B 71 17.59 21.01 13.30
N ALA B 72 18.52 20.47 12.51
CA ALA B 72 18.20 19.90 11.21
C ALA B 72 17.28 18.67 11.30
N ILE B 73 17.47 17.86 12.34
CA ILE B 73 16.64 16.67 12.54
C ILE B 73 15.25 16.97 13.12
N THR B 74 15.01 18.22 13.56
CA THR B 74 13.81 18.51 14.34
C THR B 74 12.51 18.11 13.64
N SER B 75 12.30 18.54 12.40
CA SER B 75 11.11 18.16 11.66
C SER B 75 10.95 16.63 11.55
N ALA B 76 12.01 15.95 11.13
CA ALA B 76 11.96 14.51 10.91
C ALA B 76 11.81 13.71 12.22
N TYR B 77 12.34 14.25 13.33
CA TYR B 77 12.29 13.58 14.62
C TYR B 77 10.85 13.49 15.14
N TYR B 78 10.08 14.58 15.04
CA TYR B 78 8.69 14.63 15.47
C TYR B 78 7.71 13.97 14.48
N ARG B 79 8.10 13.88 13.20
CA ARG B 79 7.24 13.37 12.12
C ARG B 79 6.77 11.95 12.44
N GLY B 80 5.46 11.74 12.40
CA GLY B 80 4.90 10.43 12.68
C GLY B 80 4.75 10.04 14.15
N ALA B 81 5.24 10.87 15.07
CA ALA B 81 5.02 10.64 16.49
C ALA B 81 3.52 10.75 16.89
N VAL B 82 3.06 9.74 17.59
CA VAL B 82 1.72 9.70 18.15
C VAL B 82 1.71 9.91 19.68
N GLY B 83 2.90 9.85 20.29
CA GLY B 83 3.03 10.22 21.71
C GLY B 83 4.37 10.86 22.05
N ALA B 84 4.39 11.54 23.20
CA ALA B 84 5.61 12.12 23.75
C ALA B 84 5.66 12.11 25.26
N LEU B 85 6.86 11.93 25.80
CA LEU B 85 7.20 12.21 27.21
C LEU B 85 8.02 13.50 27.33
N LEU B 86 7.47 14.47 28.07
CA LEU B 86 8.12 15.76 28.38
C LEU B 86 8.82 15.59 29.74
N VAL B 87 10.13 15.32 29.74
CA VAL B 87 10.85 14.86 30.96
C VAL B 87 11.67 15.96 31.66
N TYR B 88 11.52 16.10 32.99
CA TYR B 88 12.48 16.93 33.81
C TYR B 88 13.03 16.13 34.98
N ASP B 89 14.00 16.71 35.70
CA ASP B 89 14.68 16.10 36.87
C ASP B 89 14.17 16.85 38.11
N ILE B 90 13.52 16.15 39.04
CA ILE B 90 12.91 16.76 40.23
CA ILE B 90 12.90 16.82 40.19
C ILE B 90 13.97 17.46 41.10
N THR B 91 15.24 17.11 40.90
CA THR B 91 16.37 17.69 41.65
C THR B 91 17.07 18.87 40.97
N LYS B 92 16.65 19.23 39.75
CA LYS B 92 17.33 20.28 38.99
C LYS B 92 16.37 21.35 38.48
N LYS B 93 16.41 22.52 39.11
CA LYS B 93 15.44 23.59 38.86
C LYS B 93 15.36 23.94 37.39
N ASN B 94 16.51 24.19 36.74
CA ASN B 94 16.60 24.57 35.33
CA ASN B 94 16.45 24.68 35.37
C ASN B 94 15.80 23.66 34.39
N SER B 95 15.95 22.37 34.64
CA SER B 95 15.26 21.35 33.83
C SER B 95 13.74 21.50 33.85
N PHE B 96 13.18 21.94 34.99
CA PHE B 96 11.73 22.18 35.04
C PHE B 96 11.36 23.50 34.34
N GLU B 97 12.11 24.56 34.63
CA GLU B 97 11.91 25.85 33.95
C GLU B 97 11.93 25.73 32.42
N ASN B 98 12.78 24.86 31.87
CA ASN B 98 12.88 24.63 30.42
C ASN B 98 11.75 23.82 29.77
N ILE B 99 10.88 23.22 30.59
CA ILE B 99 9.73 22.43 30.06
C ILE B 99 8.87 23.19 29.06
N GLU B 100 8.49 24.41 29.41
CA GLU B 100 7.69 25.23 28.48
C GLU B 100 8.34 25.42 27.09
N LYS B 101 9.66 25.52 27.04
CA LYS B 101 10.38 25.64 25.78
C LYS B 101 10.35 24.35 24.92
N TRP B 102 10.54 23.20 25.56
CA TRP B 102 10.38 21.89 24.89
C TRP B 102 8.94 21.66 24.38
N LEU B 103 7.93 22.00 25.18
CA LEU B 103 6.52 21.95 24.74
C LEU B 103 6.25 22.80 23.50
N LYS B 104 6.83 23.99 23.47
CA LYS B 104 6.66 24.88 22.30
C LYS B 104 7.32 24.28 21.03
N GLU B 105 8.53 23.71 21.16
CA GLU B 105 9.17 23.00 20.06
C GLU B 105 8.25 21.90 19.49
N LEU B 106 7.70 21.07 20.37
CA LEU B 106 6.77 20.00 20.03
C LEU B 106 5.58 20.57 19.24
N ARG B 107 4.90 21.59 19.81
CA ARG B 107 3.77 22.26 19.14
C ARG B 107 4.07 22.79 17.75
N ASP B 108 5.27 23.35 17.58
CA ASP B 108 5.72 23.83 16.28
C ASP B 108 5.98 22.72 15.24
N ASN B 109 6.11 21.47 15.68
CA ASN B 109 6.52 20.38 14.77
C ASN B 109 5.72 19.08 14.74
N ALA B 110 4.82 18.89 15.69
CA ALA B 110 4.11 17.62 15.87
C ALA B 110 2.67 17.64 15.34
N ASP B 111 2.12 16.45 15.14
CA ASP B 111 0.72 16.29 14.83
C ASP B 111 -0.16 16.85 15.96
N SER B 112 -1.32 17.41 15.57
CA SER B 112 -2.23 18.04 16.53
C SER B 112 -2.85 17.10 17.56
N ASN B 113 -2.95 15.80 17.26
CA ASN B 113 -3.54 14.82 18.17
C ASN B 113 -2.53 13.96 18.94
N ILE B 114 -1.26 14.39 18.91
CA ILE B 114 -0.21 13.74 19.74
C ILE B 114 -0.62 13.76 21.22
N VAL B 115 -0.39 12.63 21.91
CA VAL B 115 -0.68 12.45 23.34
C VAL B 115 0.62 12.73 24.12
N ILE B 116 0.54 13.64 25.08
CA ILE B 116 1.69 14.11 25.87
C ILE B 116 1.58 13.82 27.38
N LEU B 117 2.68 13.32 27.94
CA LEU B 117 2.79 13.01 29.36
C LEU B 117 4.00 13.81 29.92
N LEU B 118 3.71 14.63 30.93
CA LEU B 118 4.75 15.27 31.74
C LEU B 118 5.27 14.26 32.80
N VAL B 119 6.59 14.09 32.81
CA VAL B 119 7.30 13.18 33.71
C VAL B 119 8.37 13.91 34.56
N GLY B 120 8.22 13.86 35.88
CA GLY B 120 9.29 14.23 36.84
C GLY B 120 10.11 12.99 37.24
N ASN B 121 11.31 12.85 36.68
CA ASN B 121 12.16 11.69 36.98
C ASN B 121 13.15 11.92 38.17
N LYS B 122 13.74 10.81 38.65
CA LYS B 122 14.68 10.74 39.80
C LYS B 122 13.96 10.98 41.12
N SER B 123 12.74 10.46 41.21
CA SER B 123 11.94 10.57 42.46
C SER B 123 12.56 9.84 43.67
N ASP B 124 13.50 8.94 43.42
CA ASP B 124 14.23 8.24 44.50
C ASP B 124 15.17 9.16 45.31
N LEU B 125 15.53 10.32 44.75
CA LEU B 125 16.45 11.27 45.42
C LEU B 125 15.67 12.25 46.30
N LYS B 126 14.99 11.66 47.30
CA LYS B 126 14.09 12.39 48.21
C LYS B 126 14.72 13.65 48.80
N HIS B 127 15.93 13.50 49.32
CA HIS B 127 16.67 14.61 49.96
C HIS B 127 17.17 15.72 49.02
N LEU B 128 17.13 15.48 47.71
CA LEU B 128 17.60 16.47 46.74
C LEU B 128 16.51 17.19 45.93
N ARG B 129 15.24 16.81 46.16
CA ARG B 129 14.08 17.45 45.48
C ARG B 129 14.03 18.96 45.63
N VAL B 130 13.86 19.66 44.50
CA VAL B 130 13.60 21.11 44.48
C VAL B 130 12.31 21.51 43.76
N ILE B 131 11.66 20.58 43.05
CA ILE B 131 10.39 20.86 42.38
C ILE B 131 9.28 20.13 43.16
N ASN B 132 8.43 20.90 43.83
CA ASN B 132 7.37 20.30 44.64
C ASN B 132 6.29 19.78 43.70
N ASP B 133 5.69 18.63 44.02
CA ASP B 133 4.68 18.03 43.12
C ASP B 133 3.46 18.95 42.85
N ASN B 134 3.11 19.84 43.78
CA ASN B 134 1.96 20.74 43.58
CA ASN B 134 1.99 20.78 43.61
C ASN B 134 2.21 21.78 42.47
N ASP B 135 3.43 22.30 42.38
CA ASP B 135 3.80 23.23 41.30
C ASP B 135 3.78 22.60 39.91
N ALA B 136 4.28 21.37 39.81
CA ALA B 136 4.22 20.61 38.58
C ALA B 136 2.76 20.30 38.20
N THR B 137 1.98 19.86 39.20
CA THR B 137 0.55 19.62 39.01
C THR B 137 -0.17 20.86 38.44
N GLN B 138 0.08 22.06 39.00
CA GLN B 138 -0.52 23.33 38.51
C GLN B 138 -0.18 23.65 37.04
N TYR B 139 1.07 23.42 36.64
CA TYR B 139 1.48 23.59 35.25
C TYR B 139 0.79 22.60 34.31
N ALA B 140 0.72 21.32 34.71
CA ALA B 140 0.01 20.27 33.96
C ALA B 140 -1.47 20.60 33.77
N LYS B 141 -2.10 21.22 34.75
CA LYS B 141 -3.49 21.64 34.60
C LYS B 141 -3.63 22.80 33.58
N LYS B 142 -2.74 23.77 33.67
CA LYS B 142 -2.68 24.88 32.71
C LYS B 142 -2.65 24.40 31.27
N GLU B 143 -1.81 23.40 30.99
CA GLU B 143 -1.60 22.91 29.63
C GLU B 143 -2.40 21.62 29.32
N LYS B 144 -3.23 21.22 30.28
CA LYS B 144 -4.06 20.02 30.18
C LYS B 144 -3.25 18.77 29.79
N LEU B 145 -2.16 18.55 30.52
CA LEU B 145 -1.26 17.40 30.32
C LEU B 145 -1.41 16.40 31.46
N ALA B 146 -1.34 15.10 31.15
CA ALA B 146 -1.13 14.09 32.21
C ALA B 146 0.23 14.33 32.90
N PHE B 147 0.33 13.87 34.16
CA PHE B 147 1.54 14.07 34.99
C PHE B 147 1.80 12.87 35.92
N ILE B 148 3.04 12.39 35.89
CA ILE B 148 3.47 11.31 36.79
C ILE B 148 4.94 11.51 37.17
N GLU B 149 5.30 11.15 38.42
CA GLU B 149 6.72 11.12 38.87
C GLU B 149 7.28 9.67 38.80
N THR B 150 8.49 9.55 38.25
CA THR B 150 9.17 8.28 38.04
C THR B 150 10.56 8.21 38.72
N SER B 151 11.02 6.97 38.87
CA SER B 151 12.44 6.66 39.05
C SER B 151 12.89 5.55 38.09
N ALA B 152 13.60 5.91 37.04
CA ALA B 152 14.23 4.88 36.21
C ALA B 152 15.18 3.97 37.02
N LEU B 153 15.85 4.52 38.03
CA LEU B 153 16.76 3.74 38.88
C LEU B 153 16.07 2.60 39.66
N GLU B 154 14.98 2.92 40.39
CA GLU B 154 14.27 1.93 41.20
CA GLU B 154 14.28 1.93 41.21
C GLU B 154 13.10 1.28 40.45
N ALA B 155 12.81 1.82 39.25
CA ALA B 155 11.71 1.37 38.34
C ALA B 155 10.32 1.98 38.66
N THR B 156 10.26 2.80 39.71
CA THR B 156 8.99 3.32 40.26
C THR B 156 8.16 4.05 39.19
N ASN B 157 6.92 3.60 39.00
CA ASN B 157 5.98 4.18 38.04
C ASN B 157 6.36 4.14 36.55
N VAL B 158 7.41 3.41 36.14
CA VAL B 158 7.83 3.47 34.73
C VAL B 158 6.83 2.71 33.84
N GLU B 159 6.43 1.51 34.26
CA GLU B 159 5.37 0.76 33.56
CA GLU B 159 5.35 0.74 33.61
C GLU B 159 4.05 1.54 33.51
N LEU B 160 3.65 2.17 34.60
CA LEU B 160 2.40 2.95 34.68
C LEU B 160 2.41 4.12 33.69
N ALA B 161 3.51 4.90 33.69
CA ALA B 161 3.76 5.97 32.70
C ALA B 161 3.59 5.53 31.23
N PHE B 162 4.36 4.53 30.80
CA PHE B 162 4.30 4.07 29.41
C PHE B 162 2.96 3.40 29.05
N HIS B 163 2.41 2.60 29.96
CA HIS B 163 1.12 1.94 29.67
C HIS B 163 -0.08 2.90 29.58
N GLN B 164 -0.18 3.82 30.53
CA GLN B 164 -1.24 4.85 30.48
C GLN B 164 -1.14 5.68 29.19
N LEU B 165 0.07 5.99 28.74
CA LEU B 165 0.27 6.69 27.48
C LEU B 165 -0.18 5.86 26.26
N LEU B 166 0.28 4.62 26.21
CA LEU B 166 -0.11 3.67 25.13
C LEU B 166 -1.65 3.43 25.06
N ASN B 167 -2.29 3.31 26.21
CA ASN B 167 -3.74 3.15 26.25
CA ASN B 167 -3.75 3.17 26.27
C ASN B 167 -4.47 4.35 25.63
N GLU B 168 -4.01 5.57 25.92
CA GLU B 168 -4.65 6.76 25.36
C GLU B 168 -4.37 6.96 23.86
N ILE B 169 -3.15 6.64 23.43
CA ILE B 169 -2.81 6.68 22.00
C ILE B 169 -3.73 5.72 21.20
N TYR B 170 -3.90 4.50 21.70
CA TYR B 170 -4.84 3.55 21.09
C TYR B 170 -6.28 4.11 21.00
N ASN B 171 -6.78 4.72 22.07
CA ASN B 171 -8.11 5.34 22.05
C ASN B 171 -8.24 6.36 20.90
N VAL B 172 -7.30 7.30 20.84
CA VAL B 172 -7.24 8.26 19.73
C VAL B 172 -7.20 7.60 18.34
N ARG B 173 -6.38 6.55 18.19
CA ARG B 173 -6.23 5.82 16.91
C ARG B 173 -7.55 5.21 16.45
N GLN B 174 -8.19 4.45 17.34
CA GLN B 174 -9.43 3.76 17.01
C GLN B 174 -10.61 4.69 16.73
N LYS B 175 -10.66 5.82 17.43
CA LYS B 175 -11.65 6.87 17.15
CA LYS B 175 -11.66 6.84 17.13
C LYS B 175 -11.49 7.33 15.69
N LYS B 176 -10.27 7.73 15.34
CA LYS B 176 -9.94 8.12 13.95
C LYS B 176 -10.32 7.03 12.93
N GLN B 177 -9.89 5.79 13.19
CA GLN B 177 -10.15 4.65 12.28
C GLN B 177 -11.63 4.45 11.97
N ALA B 178 -12.47 4.52 13.00
CA ALA B 178 -13.91 4.32 12.83
C ALA B 178 -14.57 5.39 11.94
N THR B 179 -14.04 6.62 11.96
CA THR B 179 -14.59 7.73 11.16
C THR B 179 -14.42 7.54 9.65
N LYS B 180 -13.48 6.69 9.25
CA LYS B 180 -13.19 6.43 7.83
C LYS B 180 -13.90 5.19 7.28
N ASN B 181 -14.57 4.44 8.16
CA ASN B 181 -15.22 3.17 7.77
C ASN B 181 -16.75 3.27 7.73
N TYR C 3 -0.35 -13.82 4.77
CA TYR C 3 0.21 -12.49 5.12
C TYR C 3 0.14 -11.52 3.94
N TYR C 4 -0.04 -10.23 4.23
CA TYR C 4 0.03 -9.20 3.18
C TYR C 4 0.42 -7.82 3.71
N ASP C 5 0.91 -6.99 2.79
CA ASP C 5 1.37 -5.65 3.12
C ASP C 5 0.26 -4.62 2.95
N TYR C 6 -0.56 -4.76 1.91
CA TYR C 6 -1.65 -3.83 1.61
C TYR C 6 -2.89 -4.58 1.17
N LEU C 7 -4.06 -4.11 1.61
CA LEU C 7 -5.34 -4.63 1.13
C LEU C 7 -5.98 -3.60 0.20
N PHE C 8 -6.26 -4.00 -1.06
CA PHE C 8 -6.82 -3.10 -2.07
C PHE C 8 -8.25 -3.51 -2.43
N LYS C 9 -9.20 -2.64 -2.05
CA LYS C 9 -10.63 -2.85 -2.34
C LYS C 9 -10.90 -2.37 -3.77
N ILE C 10 -11.48 -3.25 -4.58
CA ILE C 10 -11.87 -2.98 -5.98
C ILE C 10 -13.35 -3.29 -6.17
N VAL C 11 -14.09 -2.36 -6.81
CA VAL C 11 -15.52 -2.56 -7.08
C VAL C 11 -15.82 -2.72 -8.60
N LEU C 12 -16.73 -3.63 -8.92
CA LEU C 12 -17.14 -3.84 -10.31
C LEU C 12 -18.49 -3.16 -10.49
N ILE C 13 -18.60 -2.30 -11.52
CA ILE C 13 -19.86 -1.59 -11.76
CA ILE C 13 -19.79 -1.46 -11.78
C ILE C 13 -20.28 -1.67 -13.22
N GLY C 14 -21.60 -1.75 -13.41
CA GLY C 14 -22.20 -1.87 -14.76
C GLY C 14 -23.55 -2.58 -14.78
N ASP C 15 -24.23 -2.51 -15.93
CA ASP C 15 -25.56 -3.06 -16.10
C ASP C 15 -25.61 -4.53 -15.75
N SER C 16 -26.77 -4.98 -15.30
CA SER C 16 -26.96 -6.40 -15.00
CA SER C 16 -26.95 -6.41 -15.00
C SER C 16 -26.80 -7.23 -16.29
N GLY C 17 -26.14 -8.38 -16.18
CA GLY C 17 -25.94 -9.30 -17.31
C GLY C 17 -24.67 -9.15 -18.15
N VAL C 18 -23.83 -8.16 -17.85
CA VAL C 18 -22.62 -7.92 -18.65
C VAL C 18 -21.48 -8.92 -18.38
N GLY C 19 -21.51 -9.60 -17.22
CA GLY C 19 -20.45 -10.56 -16.84
C GLY C 19 -19.65 -10.27 -15.57
N LYS C 20 -20.12 -9.34 -14.73
CA LYS C 20 -19.39 -8.94 -13.51
C LYS C 20 -19.12 -10.11 -12.53
N SER C 21 -20.13 -10.91 -12.21
CA SER C 21 -19.93 -12.01 -11.23
C SER C 21 -18.95 -13.05 -11.79
N ASN C 22 -18.95 -13.22 -13.11
CA ASN C 22 -18.01 -14.16 -13.76
C ASN C 22 -16.59 -13.60 -13.98
N LEU C 23 -16.42 -12.29 -14.11
CA LEU C 23 -15.07 -11.73 -14.07
C LEU C 23 -14.47 -11.97 -12.66
N LEU C 24 -15.32 -11.88 -11.63
CA LEU C 24 -14.86 -12.06 -10.26
CA LEU C 24 -14.89 -12.07 -10.24
C LEU C 24 -14.46 -13.52 -9.98
N SER C 25 -15.30 -14.46 -10.42
CA SER C 25 -15.05 -15.89 -10.19
C SER C 25 -13.87 -16.43 -11.01
N ARG C 26 -13.66 -15.86 -12.21
CA ARG C 26 -12.57 -16.28 -13.08
C ARG C 26 -11.23 -15.79 -12.54
N PHE C 27 -11.17 -14.54 -12.09
CA PHE C 27 -9.92 -14.02 -11.54
C PHE C 27 -9.55 -14.65 -10.19
N THR C 28 -10.51 -14.81 -9.30
CA THR C 28 -10.23 -15.30 -7.93
C THR C 28 -10.18 -16.84 -7.75
N ARG C 29 -10.98 -17.59 -8.52
CA ARG C 29 -11.05 -19.07 -8.38
CA ARG C 29 -11.06 -19.06 -8.38
C ARG C 29 -10.98 -19.84 -9.70
N ASP C 30 -10.72 -19.14 -10.80
CA ASP C 30 -10.68 -19.77 -12.14
C ASP C 30 -11.94 -20.58 -12.42
N GLU C 31 -13.10 -20.05 -12.01
CA GLU C 31 -14.39 -20.68 -12.21
C GLU C 31 -15.31 -19.78 -13.04
N PHE C 32 -16.22 -20.42 -13.77
CA PHE C 32 -17.17 -19.75 -14.66
C PHE C 32 -18.48 -20.54 -14.58
N ASN C 33 -19.60 -19.82 -14.63
CA ASN C 33 -20.91 -20.47 -14.65
CA ASN C 33 -20.93 -20.44 -14.61
C ASN C 33 -21.75 -19.91 -15.78
N LEU C 34 -22.42 -20.81 -16.50
CA LEU C 34 -23.23 -20.43 -17.66
C LEU C 34 -24.62 -19.96 -17.27
N GLU C 35 -25.14 -20.42 -16.13
CA GLU C 35 -26.46 -20.00 -15.67
C GLU C 35 -26.36 -18.60 -15.07
N SER C 36 -27.48 -17.90 -14.97
CA SER C 36 -27.44 -16.57 -14.35
C SER C 36 -27.29 -16.65 -12.83
N LYS C 37 -26.85 -15.52 -12.26
CA LYS C 37 -26.33 -15.43 -10.89
C LYS C 37 -26.91 -16.42 -9.88
N GLY C 41 -27.49 -10.52 -3.35
CA GLY C 41 -27.35 -9.13 -2.93
C GLY C 41 -26.03 -8.51 -3.35
N VAL C 42 -25.07 -8.47 -2.43
CA VAL C 42 -23.70 -8.00 -2.67
C VAL C 42 -22.71 -9.15 -2.39
N GLU C 43 -21.79 -9.45 -3.29
CA GLU C 43 -20.78 -10.50 -3.02
C GLU C 43 -19.35 -9.97 -3.07
N PHE C 44 -18.44 -10.61 -2.33
CA PHE C 44 -17.00 -10.32 -2.46
C PHE C 44 -16.15 -11.59 -2.53
N ALA C 45 -14.92 -11.42 -2.99
CA ALA C 45 -13.94 -12.50 -3.02
C ALA C 45 -12.52 -11.89 -3.05
N THR C 46 -11.54 -12.68 -2.64
CA THR C 46 -10.19 -12.17 -2.42
C THR C 46 -9.13 -13.02 -3.16
N LYS C 47 -8.01 -12.38 -3.51
CA LYS C 47 -6.83 -13.06 -4.09
C LYS C 47 -5.54 -12.30 -3.73
N SER C 48 -4.49 -13.06 -3.44
CA SER C 48 -3.18 -12.46 -3.19
C SER C 48 -2.33 -12.45 -4.45
N ILE C 49 -1.52 -11.39 -4.57
CA ILE C 49 -0.65 -11.14 -5.71
C ILE C 49 0.71 -10.72 -5.14
N GLN C 50 1.80 -11.18 -5.77
CA GLN C 50 3.14 -10.86 -5.31
C GLN C 50 3.75 -9.86 -6.29
N LEU C 51 4.22 -8.71 -5.79
CA LEU C 51 4.87 -7.68 -6.63
C LEU C 51 6.39 -7.69 -6.44
N LYS C 52 7.08 -6.75 -7.10
CA LYS C 52 8.53 -6.64 -6.98
C LYS C 52 8.91 -6.05 -5.60
N ASN C 53 10.18 -6.24 -5.25
CA ASN C 53 10.74 -5.76 -3.98
C ASN C 53 10.15 -6.44 -2.74
N ASN C 54 9.66 -7.68 -2.92
CA ASN C 54 9.20 -8.51 -1.79
C ASN C 54 7.92 -8.00 -1.08
N LYS C 55 7.03 -7.37 -1.86
CA LYS C 55 5.72 -6.85 -1.37
C LYS C 55 4.54 -7.74 -1.85
N ILE C 56 3.51 -7.85 -0.99
CA ILE C 56 2.33 -8.69 -1.23
C ILE C 56 1.03 -7.87 -1.08
N ILE C 57 0.13 -7.98 -2.07
CA ILE C 57 -1.13 -7.25 -2.09
C ILE C 57 -2.28 -8.27 -1.99
N LYS C 58 -3.23 -8.05 -1.08
CA LYS C 58 -4.49 -8.80 -1.09
C LYS C 58 -5.57 -7.95 -1.78
N ALA C 59 -6.00 -8.39 -2.97
CA ALA C 59 -7.11 -7.76 -3.69
C ALA C 59 -8.43 -8.25 -3.10
N GLN C 60 -9.34 -7.34 -2.80
CA GLN C 60 -10.68 -7.66 -2.28
C GLN C 60 -11.68 -7.05 -3.29
N ILE C 61 -12.35 -7.90 -4.04
CA ILE C 61 -13.13 -7.49 -5.21
C ILE C 61 -14.64 -7.74 -4.96
N TRP C 62 -15.46 -6.74 -5.32
CA TRP C 62 -16.91 -6.72 -5.02
C TRP C 62 -17.78 -6.55 -6.29
N ASP C 63 -18.97 -7.15 -6.28
CA ASP C 63 -20.01 -6.79 -7.24
C ASP C 63 -21.38 -6.90 -6.59
N THR C 64 -22.41 -6.44 -7.28
CA THR C 64 -23.77 -6.51 -6.74
C THR C 64 -24.71 -7.12 -7.78
N ALA C 65 -25.73 -7.83 -7.31
CA ALA C 65 -26.88 -8.22 -8.14
C ALA C 65 -27.80 -7.00 -8.33
N GLY C 66 -28.38 -6.84 -9.52
CA GLY C 66 -29.36 -5.77 -9.76
C GLY C 66 -29.06 -4.86 -10.94
C ALA C 72 -27.71 2.26 0.78
N ILE C 73 -27.28 1.32 -0.06
CA ILE C 73 -25.91 0.82 0.06
C ILE C 73 -24.85 1.65 -0.70
N THR C 74 -25.24 2.72 -1.42
CA THR C 74 -24.31 3.32 -2.40
C THR C 74 -23.05 3.95 -1.77
N SER C 75 -23.25 4.88 -0.84
CA SER C 75 -22.15 5.46 -0.10
C SER C 75 -21.25 4.37 0.54
N ALA C 76 -21.88 3.41 1.23
CA ALA C 76 -21.15 2.36 1.95
C ALA C 76 -20.42 1.40 0.97
N TYR C 77 -21.05 1.12 -0.18
CA TYR C 77 -20.44 0.26 -1.19
C TYR C 77 -19.12 0.82 -1.76
N TYR C 78 -19.11 2.11 -2.11
CA TYR C 78 -17.93 2.76 -2.71
C TYR C 78 -16.83 3.13 -1.71
N ARG C 79 -17.20 3.34 -0.45
CA ARG C 79 -16.25 3.76 0.62
C ARG C 79 -15.05 2.83 0.76
N GLY C 80 -13.85 3.40 0.80
CA GLY C 80 -12.62 2.60 0.88
C GLY C 80 -12.10 2.07 -0.46
N ALA C 81 -12.87 2.16 -1.53
CA ALA C 81 -12.44 1.59 -2.81
C ALA C 81 -11.27 2.39 -3.40
N VAL C 82 -10.21 1.69 -3.80
CA VAL C 82 -9.04 2.30 -4.45
C VAL C 82 -8.93 2.00 -5.95
N GLY C 83 -9.74 1.04 -6.44
CA GLY C 83 -9.93 0.82 -7.87
C GLY C 83 -11.34 0.42 -8.26
N ALA C 84 -11.65 0.50 -9.55
CA ALA C 84 -12.93 0.08 -10.10
C ALA C 84 -12.79 -0.43 -11.52
N LEU C 85 -13.60 -1.42 -11.89
CA LEU C 85 -13.80 -1.81 -13.28
C LEU C 85 -15.22 -1.37 -13.74
N LEU C 86 -15.26 -0.57 -14.80
CA LEU C 86 -16.49 -0.12 -15.46
C LEU C 86 -16.80 -1.06 -16.61
N VAL C 87 -17.82 -1.91 -16.46
CA VAL C 87 -18.01 -3.03 -17.36
C VAL C 87 -19.24 -2.88 -18.25
N TYR C 88 -19.03 -3.12 -19.56
CA TYR C 88 -20.14 -3.25 -20.52
C TYR C 88 -20.00 -4.56 -21.32
N ASP C 89 -21.05 -4.85 -22.11
CA ASP C 89 -21.16 -6.05 -22.97
C ASP C 89 -21.01 -5.58 -24.41
N ILE C 90 -20.00 -6.09 -25.12
CA ILE C 90 -19.66 -5.68 -26.48
CA ILE C 90 -19.69 -5.64 -26.48
C ILE C 90 -20.83 -5.99 -27.45
N THR C 91 -21.73 -6.87 -27.02
CA THR C 91 -22.93 -7.24 -27.80
C THR C 91 -24.24 -6.45 -27.50
N LYS C 92 -24.26 -5.62 -26.44
CA LYS C 92 -25.46 -4.87 -26.05
CA LYS C 92 -25.45 -4.89 -26.01
C LYS C 92 -25.19 -3.37 -26.06
N LYS C 93 -25.81 -2.69 -27.03
CA LYS C 93 -25.61 -1.26 -27.21
C LYS C 93 -25.92 -0.44 -25.96
N ASN C 94 -27.05 -0.70 -25.32
CA ASN C 94 -27.46 0.10 -24.16
C ASN C 94 -26.47 -0.01 -22.97
N SER C 95 -25.78 -1.15 -22.86
CA SER C 95 -24.84 -1.36 -21.76
C SER C 95 -23.63 -0.45 -21.92
N PHE C 96 -23.23 -0.19 -23.18
CA PHE C 96 -22.16 0.79 -23.46
C PHE C 96 -22.68 2.23 -23.27
N GLU C 97 -23.91 2.49 -23.70
CA GLU C 97 -24.51 3.83 -23.47
C GLU C 97 -24.61 4.14 -21.97
N ASN C 98 -24.96 3.15 -21.17
CA ASN C 98 -25.13 3.33 -19.73
C ASN C 98 -23.81 3.55 -18.95
N ILE C 99 -22.65 3.36 -19.58
CA ILE C 99 -21.36 3.65 -18.92
C ILE C 99 -21.26 5.10 -18.46
N GLU C 100 -21.81 6.03 -19.23
CA GLU C 100 -21.80 7.44 -18.82
CA GLU C 100 -21.83 7.44 -18.83
C GLU C 100 -22.50 7.65 -17.46
N LYS C 101 -23.59 6.92 -17.24
CA LYS C 101 -24.35 6.97 -15.99
CA LYS C 101 -24.33 7.00 -15.99
C LYS C 101 -23.54 6.40 -14.83
N TRP C 102 -22.95 5.22 -15.06
CA TRP C 102 -22.16 4.51 -14.01
C TRP C 102 -20.94 5.30 -13.58
N LEU C 103 -20.28 5.91 -14.55
CA LEU C 103 -19.13 6.78 -14.28
C LEU C 103 -19.47 8.03 -13.42
N LYS C 104 -20.62 8.66 -13.70
CA LYS C 104 -21.13 9.75 -12.85
C LYS C 104 -21.37 9.26 -11.41
N GLU C 105 -21.96 8.08 -11.24
CA GLU C 105 -22.20 7.50 -9.89
C GLU C 105 -20.88 7.35 -9.15
N LEU C 106 -19.89 6.82 -9.87
CA LEU C 106 -18.57 6.63 -9.30
C LEU C 106 -17.94 7.96 -8.87
N ARG C 107 -17.98 8.96 -9.74
CA ARG C 107 -17.45 10.30 -9.44
CA ARG C 107 -17.41 10.27 -9.42
C ARG C 107 -18.15 11.02 -8.29
N ASP C 108 -19.46 10.80 -8.15
CA ASP C 108 -20.25 11.38 -7.06
C ASP C 108 -19.94 10.75 -5.68
N ASN C 109 -19.39 9.52 -5.66
CA ASN C 109 -19.29 8.72 -4.44
C ASN C 109 -17.89 8.23 -4.07
N ALA C 110 -17.02 8.07 -5.06
CA ALA C 110 -15.71 7.44 -4.86
C ALA C 110 -14.64 8.46 -4.46
N ASP C 111 -13.56 7.95 -3.87
CA ASP C 111 -12.39 8.79 -3.63
C ASP C 111 -11.86 9.33 -4.96
N SER C 112 -11.37 10.57 -4.95
CA SER C 112 -10.91 11.25 -6.18
C SER C 112 -9.66 10.62 -6.78
N ASN C 113 -8.88 9.90 -5.98
CA ASN C 113 -7.69 9.17 -6.51
C ASN C 113 -7.94 7.71 -6.94
N ILE C 114 -9.19 7.28 -6.96
CA ILE C 114 -9.55 5.94 -7.47
C ILE C 114 -9.05 5.68 -8.92
N VAL C 115 -8.46 4.51 -9.16
CA VAL C 115 -8.03 4.08 -10.49
C VAL C 115 -9.19 3.33 -11.19
N ILE C 116 -9.52 3.77 -12.42
CA ILE C 116 -10.69 3.25 -13.17
C ILE C 116 -10.28 2.65 -14.52
N LEU C 117 -10.75 1.43 -14.79
CA LEU C 117 -10.47 0.72 -16.05
C LEU C 117 -11.81 0.40 -16.75
N LEU C 118 -11.91 0.78 -18.01
CA LEU C 118 -13.09 0.47 -18.80
C LEU C 118 -12.91 -0.93 -19.39
N VAL C 119 -13.90 -1.80 -19.19
CA VAL C 119 -13.86 -3.17 -19.72
C VAL C 119 -15.07 -3.56 -20.62
N GLY C 120 -14.79 -3.96 -21.85
CA GLY C 120 -15.77 -4.56 -22.75
C GLY C 120 -15.65 -6.07 -22.69
N ASN C 121 -16.65 -6.72 -22.09
CA ASN C 121 -16.64 -8.16 -21.88
C ASN C 121 -17.44 -8.89 -22.99
N LYS C 122 -17.29 -10.22 -22.99
CA LYS C 122 -17.91 -11.12 -23.97
C LYS C 122 -17.29 -10.99 -25.37
N SER C 123 -15.96 -10.81 -25.43
CA SER C 123 -15.23 -10.62 -26.71
C SER C 123 -15.27 -11.89 -27.59
N ASP C 124 -15.50 -13.03 -26.97
CA ASP C 124 -15.67 -14.32 -27.68
C ASP C 124 -16.89 -14.37 -28.63
N LEU C 125 -17.88 -13.51 -28.43
CA LEU C 125 -19.11 -13.50 -29.27
C LEU C 125 -18.91 -12.62 -30.52
N LYS C 126 -17.92 -12.96 -31.33
CA LYS C 126 -17.51 -12.05 -32.41
C LYS C 126 -18.64 -11.73 -33.41
N HIS C 127 -19.48 -12.73 -33.68
CA HIS C 127 -20.63 -12.57 -34.60
C HIS C 127 -21.76 -11.64 -34.08
N LEU C 128 -21.75 -11.33 -32.78
CA LEU C 128 -22.79 -10.48 -32.18
C LEU C 128 -22.31 -9.07 -31.77
N ARG C 129 -21.03 -8.76 -32.01
CA ARG C 129 -20.42 -7.46 -31.68
C ARG C 129 -21.23 -6.31 -32.28
N VAL C 130 -21.57 -5.32 -31.44
CA VAL C 130 -22.12 -4.05 -31.91
C VAL C 130 -21.34 -2.82 -31.42
N ILE C 131 -20.39 -2.98 -30.50
CA ILE C 131 -19.52 -1.89 -30.09
C ILE C 131 -18.11 -2.12 -30.64
N ASN C 132 -17.72 -1.30 -31.61
CA ASN C 132 -16.39 -1.42 -32.21
C ASN C 132 -15.32 -0.91 -31.25
N ASP C 133 -14.14 -1.53 -31.26
CA ASP C 133 -13.11 -1.12 -30.31
C ASP C 133 -12.57 0.30 -30.52
N ASN C 134 -12.61 0.83 -31.74
CA ASN C 134 -12.16 2.21 -31.98
CA ASN C 134 -12.17 2.21 -31.98
C ASN C 134 -13.10 3.22 -31.31
N ASP C 135 -14.39 2.92 -31.29
CA ASP C 135 -15.40 3.77 -30.64
C ASP C 135 -15.27 3.77 -29.11
N ALA C 136 -15.05 2.59 -28.52
CA ALA C 136 -14.75 2.50 -27.09
C ALA C 136 -13.44 3.25 -26.75
N THR C 137 -12.41 3.11 -27.59
CA THR C 137 -11.15 3.83 -27.37
C THR C 137 -11.29 5.37 -27.32
N GLN C 138 -12.10 5.95 -28.20
CA GLN C 138 -12.33 7.39 -28.20
C GLN C 138 -13.02 7.86 -26.90
N TYR C 139 -13.97 7.09 -26.41
CA TYR C 139 -14.59 7.43 -25.11
C TYR C 139 -13.56 7.38 -23.96
N ALA C 140 -12.79 6.29 -23.88
CA ALA C 140 -11.75 6.15 -22.85
C ALA C 140 -10.72 7.28 -22.87
N LYS C 141 -10.24 7.65 -24.05
CA LYS C 141 -9.31 8.78 -24.13
C LYS C 141 -9.97 10.08 -23.70
N LYS C 142 -11.23 10.29 -24.08
CA LYS C 142 -12.03 11.44 -23.60
C LYS C 142 -12.14 11.48 -22.07
N GLU C 143 -12.36 10.32 -21.45
CA GLU C 143 -12.52 10.24 -20.00
C GLU C 143 -11.19 9.97 -19.25
N LYS C 144 -10.09 9.87 -20.00
CA LYS C 144 -8.76 9.64 -19.46
C LYS C 144 -8.70 8.31 -18.69
N LEU C 145 -9.25 7.25 -19.31
CA LEU C 145 -9.30 5.91 -18.70
C LEU C 145 -8.55 4.89 -19.56
N ALA C 146 -7.96 3.87 -18.93
CA ALA C 146 -7.43 2.72 -19.66
C ALA C 146 -8.60 1.85 -20.14
N PHE C 147 -8.36 1.08 -21.21
CA PHE C 147 -9.40 0.25 -21.86
C PHE C 147 -8.87 -1.15 -22.29
N ILE C 148 -9.64 -2.19 -21.97
CA ILE C 148 -9.31 -3.55 -22.34
C ILE C 148 -10.59 -4.31 -22.65
N GLU C 149 -10.54 -5.22 -23.64
CA GLU C 149 -11.65 -6.15 -23.91
C GLU C 149 -11.31 -7.55 -23.34
N THR C 150 -12.27 -8.15 -22.63
CA THR C 150 -12.12 -9.46 -21.95
C THR C 150 -13.16 -10.52 -22.44
N SER C 151 -12.85 -11.78 -22.16
CA SER C 151 -13.85 -12.84 -22.16
C SER C 151 -13.75 -13.65 -20.88
N ALA C 152 -14.72 -13.53 -19.98
CA ALA C 152 -14.71 -14.35 -18.75
C ALA C 152 -14.87 -15.83 -19.10
N LEU C 153 -15.59 -16.09 -20.20
CA LEU C 153 -15.83 -17.46 -20.70
CA LEU C 153 -15.83 -17.46 -20.69
C LEU C 153 -14.53 -18.16 -21.12
N GLU C 154 -13.74 -17.51 -21.96
CA GLU C 154 -12.51 -18.08 -22.51
CA GLU C 154 -12.52 -18.11 -22.49
C GLU C 154 -11.28 -17.68 -21.70
N ALA C 155 -11.50 -16.81 -20.70
CA ALA C 155 -10.46 -16.24 -19.80
C ALA C 155 -9.60 -15.11 -20.40
N THR C 156 -9.86 -14.76 -21.65
CA THR C 156 -9.02 -13.81 -22.39
C THR C 156 -8.89 -12.44 -21.70
N ASN C 157 -7.65 -12.02 -21.46
CA ASN C 157 -7.31 -10.68 -20.88
C ASN C 157 -7.81 -10.38 -19.43
N VAL C 158 -8.32 -11.39 -18.74
CA VAL C 158 -8.85 -11.22 -17.39
C VAL C 158 -7.69 -10.93 -16.41
N GLU C 159 -6.62 -11.73 -16.45
CA GLU C 159 -5.44 -11.46 -15.62
CA GLU C 159 -5.43 -11.46 -15.62
C GLU C 159 -4.79 -10.11 -16.00
N LEU C 160 -4.64 -9.85 -17.30
CA LEU C 160 -4.09 -8.56 -17.76
C LEU C 160 -4.86 -7.36 -17.16
N ALA C 161 -6.20 -7.41 -17.24
CA ALA C 161 -7.08 -6.34 -16.75
C ALA C 161 -6.83 -6.06 -15.25
N PHE C 162 -6.91 -7.11 -14.42
CA PHE C 162 -6.81 -6.99 -12.97
C PHE C 162 -5.39 -6.65 -12.52
N HIS C 163 -4.37 -7.27 -13.14
CA HIS C 163 -2.98 -6.96 -12.83
C HIS C 163 -2.55 -5.54 -13.21
N GLN C 164 -3.00 -5.04 -14.35
CA GLN C 164 -2.66 -3.66 -14.77
C GLN C 164 -3.33 -2.65 -13.83
N LEU C 165 -4.58 -2.90 -13.46
CA LEU C 165 -5.28 -2.12 -12.42
C LEU C 165 -4.52 -2.11 -11.06
N LEU C 166 -4.18 -3.30 -10.58
CA LEU C 166 -3.46 -3.44 -9.30
C LEU C 166 -2.09 -2.73 -9.26
N ASN C 167 -1.32 -2.89 -10.33
CA ASN C 167 0.00 -2.24 -10.46
C ASN C 167 -0.15 -0.71 -10.35
N GLU C 168 -1.15 -0.15 -11.03
CA GLU C 168 -1.35 1.31 -10.98
C GLU C 168 -1.84 1.78 -9.62
N ILE C 169 -2.77 1.05 -9.01
CA ILE C 169 -3.18 1.35 -7.64
C ILE C 169 -1.99 1.38 -6.64
N TYR C 170 -1.07 0.43 -6.77
CA TYR C 170 0.13 0.40 -5.91
C TYR C 170 1.00 1.66 -6.09
N ASN C 171 1.25 2.03 -7.34
CA ASN C 171 2.04 3.22 -7.66
CA ASN C 171 2.02 3.22 -7.69
C ASN C 171 1.43 4.48 -7.01
N VAL C 172 0.11 4.63 -7.09
CA VAL C 172 -0.59 5.74 -6.45
C VAL C 172 -0.45 5.73 -4.90
N ARG C 173 -0.59 4.56 -4.29
CA ARG C 173 -0.51 4.42 -2.82
C ARG C 173 0.90 4.65 -2.25
N GLN C 174 1.95 4.13 -2.90
CA GLN C 174 3.33 4.32 -2.43
C GLN C 174 3.79 5.76 -2.59
N LYS C 175 3.37 6.38 -3.68
CA LYS C 175 3.59 7.81 -3.89
C LYS C 175 2.96 8.63 -2.76
N LYS C 176 1.70 8.36 -2.44
CA LYS C 176 1.02 8.94 -1.26
C LYS C 176 1.80 8.68 0.03
N GLN C 177 2.23 7.43 0.21
CA GLN C 177 2.91 6.97 1.43
C GLN C 177 4.20 7.76 1.67
N ALA C 178 4.99 7.94 0.61
CA ALA C 178 6.29 8.60 0.68
C ALA C 178 6.23 10.09 1.06
N THR C 179 5.16 10.79 0.67
CA THR C 179 5.00 12.20 1.03
C THR C 179 4.71 12.37 2.52
N LYS C 180 4.16 11.35 3.15
CA LYS C 180 3.89 11.33 4.59
C LYS C 180 5.16 11.13 5.46
N ASN C 181 6.25 10.64 4.87
CA ASN C 181 7.43 10.21 5.64
C ASN C 181 8.63 11.17 5.55
N ASP D 2 -38.82 11.38 14.36
CA ASP D 2 -39.51 10.15 14.85
C ASP D 2 -40.47 9.55 13.83
N TYR D 3 -40.65 10.20 12.68
CA TYR D 3 -41.54 9.68 11.66
C TYR D 3 -40.91 8.49 10.93
N TYR D 4 -41.74 7.52 10.56
CA TYR D 4 -41.30 6.43 9.69
C TYR D 4 -42.49 5.82 8.96
N ASP D 5 -42.22 5.29 7.78
CA ASP D 5 -43.20 4.57 6.98
C ASP D 5 -43.31 3.10 7.38
N TYR D 6 -42.16 2.41 7.48
CA TYR D 6 -42.12 0.97 7.79
C TYR D 6 -41.24 0.68 8.99
N LEU D 7 -41.66 -0.27 9.81
CA LEU D 7 -40.85 -0.74 10.95
C LEU D 7 -40.45 -2.17 10.61
N PHE D 8 -39.14 -2.43 10.53
CA PHE D 8 -38.62 -3.75 10.22
C PHE D 8 -37.91 -4.33 11.46
N LYS D 9 -38.47 -5.38 12.04
CA LYS D 9 -37.86 -6.05 13.19
C LYS D 9 -36.75 -6.97 12.71
N ILE D 10 -35.54 -6.76 13.25
CA ILE D 10 -34.35 -7.59 12.93
C ILE D 10 -33.79 -8.25 14.20
N VAL D 11 -33.49 -9.55 14.12
CA VAL D 11 -32.92 -10.26 15.28
C VAL D 11 -31.45 -10.68 15.01
N LEU D 12 -30.60 -10.48 16.01
CA LEU D 12 -29.23 -10.96 15.97
C LEU D 12 -29.14 -12.35 16.64
N ILE D 13 -28.53 -13.33 15.96
CA ILE D 13 -28.27 -14.61 16.63
C ILE D 13 -26.86 -15.16 16.36
N GLY D 14 -26.40 -16.00 17.29
CA GLY D 14 -25.08 -16.61 17.24
C GLY D 14 -24.53 -16.87 18.63
N ASP D 15 -23.38 -17.54 18.70
CA ASP D 15 -22.77 -17.91 19.98
C ASP D 15 -22.41 -16.68 20.81
N SER D 16 -22.33 -16.84 22.13
CA SER D 16 -21.85 -15.77 22.99
CA SER D 16 -21.86 -15.75 22.97
C SER D 16 -20.40 -15.42 22.63
N GLY D 17 -20.07 -14.12 22.66
CA GLY D 17 -18.70 -13.64 22.46
C GLY D 17 -18.25 -13.29 21.05
N VAL D 18 -19.15 -13.41 20.08
CA VAL D 18 -18.84 -13.19 18.67
C VAL D 18 -18.89 -11.72 18.26
N GLY D 19 -19.56 -10.89 19.07
CA GLY D 19 -19.67 -9.44 18.84
C GLY D 19 -21.08 -8.88 18.54
N LYS D 20 -22.16 -9.59 18.90
CA LYS D 20 -23.51 -9.13 18.52
C LYS D 20 -23.89 -7.80 19.20
N SER D 21 -23.52 -7.60 20.48
CA SER D 21 -23.89 -6.35 21.17
CA SER D 21 -23.84 -6.34 21.20
C SER D 21 -23.16 -5.14 20.59
N ASN D 22 -21.93 -5.33 20.13
CA ASN D 22 -21.17 -4.24 19.52
C ASN D 22 -21.57 -3.93 18.06
N LEU D 23 -22.10 -4.93 17.35
CA LEU D 23 -22.71 -4.67 16.02
C LEU D 23 -23.95 -3.79 16.23
N LEU D 24 -24.80 -4.15 17.20
CA LEU D 24 -25.98 -3.34 17.56
C LEU D 24 -25.60 -1.91 17.97
N SER D 25 -24.70 -1.76 18.94
CA SER D 25 -24.23 -0.43 19.36
C SER D 25 -23.52 0.38 18.25
N ARG D 26 -22.70 -0.28 17.42
CA ARG D 26 -22.01 0.42 16.35
C ARG D 26 -22.99 0.99 15.31
N PHE D 27 -23.93 0.17 14.85
CA PHE D 27 -24.89 0.63 13.85
C PHE D 27 -25.84 1.70 14.37
N THR D 28 -26.42 1.48 15.55
CA THR D 28 -27.52 2.34 16.05
C THR D 28 -27.04 3.63 16.73
N ARG D 29 -25.83 3.62 17.28
CA ARG D 29 -25.29 4.81 17.98
C ARG D 29 -23.80 5.13 17.77
N ASP D 30 -23.15 4.46 16.82
CA ASP D 30 -21.70 4.63 16.58
C ASP D 30 -20.86 4.47 17.88
N GLU D 31 -21.23 3.51 18.70
CA GLU D 31 -20.50 3.22 19.94
C GLU D 31 -19.98 1.77 19.97
N PHE D 32 -18.94 1.53 20.76
CA PHE D 32 -18.34 0.21 20.93
C PHE D 32 -17.89 0.01 22.40
N ASN D 33 -18.19 -1.16 22.97
CA ASN D 33 -17.78 -1.56 24.34
C ASN D 33 -16.71 -2.68 24.29
N LEU D 34 -15.46 -2.33 24.59
CA LEU D 34 -14.36 -3.28 24.54
N GLY D 41 -31.18 -9.88 29.76
CA GLY D 41 -31.14 -11.01 28.83
C GLY D 41 -31.58 -10.66 27.41
N VAL D 42 -32.52 -9.73 27.26
CA VAL D 42 -32.97 -9.24 25.92
C VAL D 42 -32.97 -7.69 25.81
N GLU D 43 -32.54 -7.15 24.67
CA GLU D 43 -32.48 -5.69 24.47
C GLU D 43 -32.80 -5.34 23.02
N PHE D 44 -33.27 -4.12 22.78
CA PHE D 44 -33.38 -3.59 21.42
C PHE D 44 -32.80 -2.20 21.29
N ALA D 45 -32.50 -1.83 20.04
CA ALA D 45 -32.23 -0.44 19.69
C ALA D 45 -32.71 -0.18 18.26
N THR D 46 -32.85 1.11 17.93
CA THR D 46 -33.41 1.53 16.67
C THR D 46 -32.51 2.53 15.89
N LYS D 47 -32.64 2.47 14.57
CA LYS D 47 -32.07 3.51 13.67
C LYS D 47 -32.90 3.59 12.41
N SER D 48 -33.09 4.79 11.88
CA SER D 48 -33.92 5.01 10.70
C SER D 48 -33.03 5.36 9.48
N ILE D 49 -33.39 4.83 8.32
CA ILE D 49 -32.68 5.13 7.08
C ILE D 49 -33.70 5.55 6.00
N GLN D 50 -33.32 6.51 5.16
CA GLN D 50 -34.18 6.92 4.05
C GLN D 50 -33.82 6.18 2.78
N LEU D 51 -34.77 5.41 2.26
CA LEU D 51 -34.63 4.76 0.96
C LEU D 51 -35.05 5.71 -0.15
N ASN D 54 -38.30 7.90 -1.44
CA ASN D 54 -38.18 8.70 -0.23
C ASN D 54 -38.68 8.01 1.08
N LYS D 55 -39.00 6.72 1.00
CA LYS D 55 -39.55 5.97 2.16
C LYS D 55 -38.54 5.89 3.31
N ILE D 56 -39.04 5.97 4.54
CA ILE D 56 -38.19 5.92 5.75
C ILE D 56 -38.49 4.61 6.49
N ILE D 57 -37.48 3.75 6.57
CA ILE D 57 -37.56 2.47 7.30
C ILE D 57 -37.01 2.67 8.72
N LYS D 58 -37.75 2.22 9.72
CA LYS D 58 -37.22 2.12 11.09
C LYS D 58 -36.78 0.69 11.36
N ALA D 59 -35.48 0.52 11.53
CA ALA D 59 -34.91 -0.77 11.91
C ALA D 59 -34.93 -0.89 13.42
N GLN D 60 -35.66 -1.88 13.90
CA GLN D 60 -35.72 -2.23 15.32
C GLN D 60 -34.92 -3.53 15.52
N ILE D 61 -33.72 -3.40 16.10
CA ILE D 61 -32.73 -4.46 16.14
C ILE D 61 -32.61 -5.08 17.54
N TRP D 62 -32.75 -6.40 17.60
CA TRP D 62 -32.81 -7.15 18.86
C TRP D 62 -31.55 -8.02 19.11
N ASP D 63 -31.18 -8.15 20.38
CA ASP D 63 -30.06 -8.97 20.81
C ASP D 63 -30.41 -9.68 22.11
N THR D 64 -29.81 -10.85 22.35
CA THR D 64 -29.91 -11.52 23.65
C THR D 64 -28.54 -11.89 24.23
N ALA D 65 -28.48 -11.99 25.55
CA ALA D 65 -27.25 -12.36 26.27
C ALA D 65 -27.20 -13.87 26.47
N ALA D 72 -39.95 -20.84 24.53
CA ALA D 72 -40.85 -20.07 25.39
C ALA D 72 -40.74 -18.59 25.06
N ILE D 73 -39.63 -17.98 25.47
CA ILE D 73 -39.24 -16.68 24.92
C ILE D 73 -38.72 -16.90 23.49
N THR D 74 -38.15 -18.07 23.22
CA THR D 74 -37.65 -18.39 21.87
C THR D 74 -38.68 -18.03 20.79
N SER D 75 -39.86 -18.64 20.87
CA SER D 75 -40.97 -18.30 19.96
C SER D 75 -41.24 -16.79 19.88
N ALA D 76 -41.26 -16.15 21.06
CA ALA D 76 -41.59 -14.73 21.22
C ALA D 76 -40.49 -13.79 20.72
N TYR D 77 -39.23 -14.20 20.89
CA TYR D 77 -38.07 -13.46 20.35
C TYR D 77 -38.14 -13.37 18.83
N TYR D 78 -38.40 -14.50 18.18
CA TYR D 78 -38.47 -14.57 16.72
C TYR D 78 -39.74 -13.96 16.13
N ARG D 79 -40.85 -14.05 16.88
CA ARG D 79 -42.16 -13.60 16.41
C ARG D 79 -42.05 -12.23 15.78
N GLY D 80 -42.48 -12.13 14.51
CA GLY D 80 -42.52 -10.88 13.78
C GLY D 80 -41.28 -10.50 13.00
N ALA D 81 -40.17 -11.20 13.24
CA ALA D 81 -38.87 -10.84 12.63
C ALA D 81 -38.94 -10.98 11.11
N VAL D 82 -38.56 -9.94 10.38
CA VAL D 82 -38.53 -9.99 8.91
C VAL D 82 -37.08 -10.11 8.38
N GLY D 83 -36.11 -9.92 9.27
CA GLY D 83 -34.70 -10.14 8.97
C GLY D 83 -33.89 -10.71 10.13
N ALA D 84 -32.74 -11.30 9.80
CA ALA D 84 -31.85 -11.85 10.81
C ALA D 84 -30.38 -11.75 10.37
N LEU D 85 -29.50 -11.50 11.34
CA LEU D 85 -28.04 -11.64 11.12
C LEU D 85 -27.59 -12.88 11.91
N LEU D 86 -27.02 -13.85 11.21
CA LEU D 86 -26.40 -15.05 11.80
C LEU D 86 -24.91 -14.79 11.93
N VAL D 87 -24.42 -14.57 13.15
CA VAL D 87 -23.08 -14.05 13.39
C VAL D 87 -22.13 -15.11 13.96
N TYR D 88 -20.95 -15.24 13.33
CA TYR D 88 -19.83 -15.98 13.94
C TYR D 88 -18.60 -15.06 14.06
N ASP D 89 -17.59 -15.57 14.75
CA ASP D 89 -16.30 -14.89 14.96
C ASP D 89 -15.28 -15.58 14.03
N ILE D 90 -14.65 -14.79 13.14
CA ILE D 90 -13.74 -15.37 12.13
CA ILE D 90 -13.72 -15.31 12.13
C ILE D 90 -12.54 -16.08 12.76
N THR D 91 -12.25 -15.77 14.04
CA THR D 91 -11.11 -16.33 14.79
C THR D 91 -11.46 -17.50 15.71
N LYS D 92 -12.75 -17.85 15.81
CA LYS D 92 -13.23 -18.91 16.70
CA LYS D 92 -13.23 -18.91 16.70
C LYS D 92 -13.94 -20.01 15.91
N LYS D 93 -13.22 -21.11 15.68
CA LYS D 93 -13.76 -22.16 14.85
C LYS D 93 -15.14 -22.66 15.25
N ASN D 94 -15.35 -22.93 16.55
CA ASN D 94 -16.62 -23.53 17.02
C ASN D 94 -17.85 -22.63 16.81
N SER D 95 -17.62 -21.31 16.76
CA SER D 95 -18.70 -20.36 16.45
C SER D 95 -19.20 -20.51 15.01
N PHE D 96 -18.32 -20.86 14.08
CA PHE D 96 -18.72 -21.14 12.70
C PHE D 96 -19.39 -22.53 12.62
N GLU D 97 -18.83 -23.50 13.35
CA GLU D 97 -19.40 -24.86 13.39
C GLU D 97 -20.86 -24.84 13.89
N ASN D 98 -21.18 -23.95 14.82
CA ASN D 98 -22.55 -23.85 15.37
C ASN D 98 -23.59 -23.08 14.50
N ILE D 99 -23.16 -22.45 13.40
CA ILE D 99 -24.12 -21.69 12.53
C ILE D 99 -25.25 -22.61 12.01
N GLU D 100 -24.91 -23.80 11.52
CA GLU D 100 -25.96 -24.72 11.07
C GLU D 100 -27.04 -24.95 12.14
N LYS D 101 -26.64 -25.02 13.42
CA LYS D 101 -27.59 -25.22 14.53
C LYS D 101 -28.49 -23.99 14.74
N TRP D 102 -27.88 -22.82 14.79
CA TRP D 102 -28.63 -21.57 14.87
C TRP D 102 -29.61 -21.38 13.70
N LEU D 103 -29.19 -21.79 12.51
CA LEU D 103 -29.99 -21.65 11.31
C LEU D 103 -31.21 -22.58 11.30
N LYS D 104 -31.01 -23.79 11.86
CA LYS D 104 -32.11 -24.70 12.18
C LYS D 104 -33.10 -24.04 13.14
N GLU D 105 -32.60 -23.48 14.25
CA GLU D 105 -33.47 -22.82 15.24
C GLU D 105 -34.36 -21.77 14.57
N LEU D 106 -33.73 -20.97 13.70
CA LEU D 106 -34.41 -19.92 12.93
C LEU D 106 -35.49 -20.48 12.00
N ARG D 107 -35.18 -21.56 11.29
CA ARG D 107 -36.12 -22.18 10.33
CA ARG D 107 -36.14 -22.12 10.33
C ARG D 107 -37.32 -22.84 11.00
N ASP D 108 -37.15 -23.25 12.25
CA ASP D 108 -38.25 -23.80 13.03
C ASP D 108 -39.20 -22.72 13.57
N ASN D 109 -38.66 -21.54 13.88
CA ASN D 109 -39.43 -20.49 14.56
C ASN D 109 -39.89 -19.31 13.68
N ALA D 110 -39.15 -19.03 12.62
CA ALA D 110 -39.34 -17.78 11.88
C ALA D 110 -40.31 -17.91 10.72
N ASP D 111 -40.85 -16.76 10.33
CA ASP D 111 -41.62 -16.59 9.08
C ASP D 111 -40.76 -17.08 7.91
N SER D 112 -41.42 -17.77 6.98
CA SER D 112 -40.71 -18.46 5.89
C SER D 112 -40.08 -17.51 4.87
N ASN D 113 -40.50 -16.24 4.84
CA ASN D 113 -39.93 -15.25 3.92
C ASN D 113 -38.93 -14.31 4.60
N ILE D 114 -38.46 -14.67 5.81
CA ILE D 114 -37.42 -13.90 6.50
C ILE D 114 -36.12 -13.82 5.66
N VAL D 115 -35.47 -12.65 5.60
CA VAL D 115 -34.19 -12.52 4.88
C VAL D 115 -33.04 -12.71 5.88
N ILE D 116 -32.08 -13.57 5.53
CA ILE D 116 -30.99 -13.94 6.45
C ILE D 116 -29.60 -13.58 5.89
N LEU D 117 -28.83 -12.84 6.66
CA LEU D 117 -27.45 -12.44 6.28
C LEU D 117 -26.44 -13.11 7.21
N LEU D 118 -25.53 -13.89 6.62
CA LEU D 118 -24.39 -14.45 7.34
C LEU D 118 -23.29 -13.38 7.55
N VAL D 119 -22.86 -13.22 8.79
CA VAL D 119 -21.82 -12.25 9.16
C VAL D 119 -20.65 -12.90 9.88
N GLY D 120 -19.44 -12.74 9.30
CA GLY D 120 -18.19 -13.07 9.99
C GLY D 120 -17.58 -11.82 10.62
N ASN D 121 -17.73 -11.69 11.93
CA ASN D 121 -17.20 -10.52 12.67
C ASN D 121 -15.75 -10.70 13.14
N LYS D 122 -15.15 -9.58 13.56
CA LYS D 122 -13.72 -9.48 14.01
C LYS D 122 -12.72 -9.65 12.86
N SER D 123 -13.02 -9.04 11.71
CA SER D 123 -12.16 -9.13 10.55
C SER D 123 -10.82 -8.39 10.74
N ASP D 124 -10.80 -7.42 11.67
CA ASP D 124 -9.57 -6.72 12.08
C ASP D 124 -8.50 -7.64 12.74
N LEU D 125 -8.90 -8.80 13.26
CA LEU D 125 -7.95 -9.78 13.86
C LEU D 125 -7.35 -10.69 12.77
N LYS D 126 -6.68 -10.04 11.82
CA LYS D 126 -6.09 -10.70 10.61
C LYS D 126 -5.17 -11.88 10.94
N HIS D 127 -4.36 -11.72 11.99
CA HIS D 127 -3.36 -12.73 12.40
C HIS D 127 -3.95 -13.94 13.14
N LEU D 128 -5.22 -13.86 13.54
CA LEU D 128 -5.88 -14.93 14.31
C LEU D 128 -6.99 -15.68 13.55
N ARG D 129 -7.17 -15.34 12.28
CA ARG D 129 -8.24 -15.93 11.46
C ARG D 129 -8.10 -17.45 11.27
N VAL D 130 -9.20 -18.17 11.45
CA VAL D 130 -9.25 -19.62 11.19
C VAL D 130 -10.34 -20.01 10.17
N ILE D 131 -11.29 -19.11 9.87
CA ILE D 131 -12.33 -19.35 8.85
C ILE D 131 -12.03 -18.57 7.56
N ASN D 132 -11.68 -19.31 6.51
CA ASN D 132 -11.39 -18.67 5.23
CA ASN D 132 -11.42 -18.79 5.16
C ASN D 132 -12.68 -18.24 4.51
N ASP D 133 -12.59 -17.08 3.86
CA ASP D 133 -13.80 -16.47 3.28
C ASP D 133 -14.47 -17.33 2.19
N ASN D 134 -13.70 -18.08 1.41
CA ASN D 134 -14.34 -18.93 0.39
C ASN D 134 -15.17 -20.08 0.98
N ASP D 135 -14.76 -20.62 2.12
CA ASP D 135 -15.53 -21.67 2.82
C ASP D 135 -16.89 -21.17 3.30
N ALA D 136 -16.90 -19.98 3.89
CA ALA D 136 -18.12 -19.28 4.29
C ALA D 136 -19.01 -18.97 3.07
N THR D 137 -18.41 -18.45 2.00
CA THR D 137 -19.17 -18.14 0.77
C THR D 137 -19.86 -19.38 0.22
N GLN D 138 -19.13 -20.49 0.16
CA GLN D 138 -19.66 -21.78 -0.31
CA GLN D 138 -19.74 -21.68 -0.41
C GLN D 138 -20.91 -22.17 0.45
N TYR D 139 -20.81 -22.08 1.77
CA TYR D 139 -21.92 -22.45 2.68
C TYR D 139 -23.13 -21.52 2.52
N ALA D 140 -22.87 -20.22 2.43
CA ALA D 140 -23.93 -19.25 2.18
C ALA D 140 -24.67 -19.58 0.86
N LYS D 141 -23.93 -19.99 -0.17
CA LYS D 141 -24.50 -20.34 -1.47
C LYS D 141 -25.43 -21.55 -1.35
N LYS D 142 -24.99 -22.58 -0.63
CA LYS D 142 -25.81 -23.78 -0.40
C LYS D 142 -27.14 -23.44 0.30
N GLU D 143 -27.08 -22.54 1.28
CA GLU D 143 -28.25 -22.24 2.14
C GLU D 143 -29.06 -21.00 1.71
N LYS D 144 -28.67 -20.37 0.60
CA LYS D 144 -29.35 -19.19 0.04
C LYS D 144 -29.30 -17.99 0.97
N LEU D 145 -28.10 -17.68 1.46
CA LEU D 145 -27.86 -16.56 2.38
C LEU D 145 -26.91 -15.54 1.74
N ALA D 146 -27.09 -14.27 2.08
CA ALA D 146 -26.09 -13.26 1.77
C ALA D 146 -24.92 -13.49 2.76
N PHE D 147 -23.73 -12.99 2.41
CA PHE D 147 -22.52 -13.12 3.26
C PHE D 147 -21.61 -11.89 3.21
N ILE D 148 -21.23 -11.40 4.40
CA ILE D 148 -20.27 -10.28 4.52
C ILE D 148 -19.43 -10.49 5.78
N GLU D 149 -18.20 -9.95 5.79
CA GLU D 149 -17.33 -9.90 7.00
C GLU D 149 -17.24 -8.50 7.53
N THR D 150 -17.27 -8.36 8.86
CA THR D 150 -17.34 -7.06 9.54
C THR D 150 -16.29 -6.91 10.65
N SER D 151 -16.05 -5.65 11.04
CA SER D 151 -15.34 -5.31 12.29
C SER D 151 -16.23 -4.34 13.04
N ALA D 152 -16.84 -4.78 14.12
CA ALA D 152 -17.62 -3.86 14.96
C ALA D 152 -16.64 -2.89 15.61
N LEU D 153 -15.41 -3.34 15.92
CA LEU D 153 -14.38 -2.49 16.55
C LEU D 153 -13.97 -1.32 15.66
N GLU D 154 -13.55 -1.61 14.43
CA GLU D 154 -13.07 -0.57 13.53
C GLU D 154 -14.14 -0.03 12.57
N ALA D 155 -15.37 -0.52 12.73
CA ALA D 155 -16.56 -0.09 11.94
C ALA D 155 -16.69 -0.69 10.53
N THR D 156 -15.66 -1.40 10.08
CA THR D 156 -15.55 -1.96 8.73
C THR D 156 -16.79 -2.79 8.32
N ASN D 157 -17.42 -2.38 7.21
CA ASN D 157 -18.60 -3.02 6.61
C ASN D 157 -19.89 -3.09 7.45
N VAL D 158 -19.95 -2.37 8.58
CA VAL D 158 -21.13 -2.48 9.47
C VAL D 158 -22.36 -1.84 8.80
N GLU D 159 -22.19 -0.62 8.29
CA GLU D 159 -23.27 0.09 7.56
C GLU D 159 -23.69 -0.70 6.32
N LEU D 160 -22.70 -1.22 5.57
CA LEU D 160 -22.99 -1.99 4.37
C LEU D 160 -23.83 -3.24 4.65
N ALA D 161 -23.49 -3.96 5.73
CA ALA D 161 -24.20 -5.15 6.17
C ALA D 161 -25.69 -4.86 6.43
N PHE D 162 -25.93 -3.91 7.33
CA PHE D 162 -27.31 -3.58 7.72
C PHE D 162 -28.13 -2.96 6.58
N HIS D 163 -27.50 -2.13 5.76
CA HIS D 163 -28.22 -1.52 4.62
C HIS D 163 -28.55 -2.53 3.56
N GLN D 164 -27.64 -3.45 3.30
CA GLN D 164 -27.86 -4.54 2.35
C GLN D 164 -29.11 -5.35 2.76
N LEU D 165 -29.16 -5.73 4.02
CA LEU D 165 -30.29 -6.50 4.58
C LEU D 165 -31.61 -5.73 4.48
N LEU D 166 -31.59 -4.47 4.93
CA LEU D 166 -32.82 -3.64 4.94
C LEU D 166 -33.40 -3.40 3.55
N ASN D 167 -32.53 -3.28 2.55
CA ASN D 167 -32.96 -3.17 1.14
C ASN D 167 -33.54 -4.45 0.57
N GLU D 168 -32.96 -5.59 0.92
CA GLU D 168 -33.49 -6.88 0.46
C GLU D 168 -34.86 -7.17 1.08
N ILE D 169 -35.04 -6.79 2.34
CA ILE D 169 -36.34 -6.94 3.03
C ILE D 169 -37.43 -6.12 2.29
N TYR D 170 -37.14 -4.85 2.04
CA TYR D 170 -38.03 -3.97 1.27
C TYR D 170 -38.41 -4.57 -0.09
N ASN D 171 -37.42 -5.03 -0.85
CA ASN D 171 -37.69 -5.62 -2.18
C ASN D 171 -38.53 -6.89 -2.12
N VAL D 172 -38.31 -7.72 -1.10
CA VAL D 172 -39.14 -8.88 -0.83
C VAL D 172 -40.58 -8.46 -0.48
N ARG D 173 -40.74 -7.52 0.44
CA ARG D 173 -42.07 -7.15 0.96
C ARG D 173 -42.73 -5.97 0.23
N GLN D 174 -42.05 -5.38 -0.76
CA GLN D 174 -42.62 -4.29 -1.55
C GLN D 174 -43.62 -4.85 -2.56
N ASP E 2 -17.58 -5.26 -39.48
CA ASP E 2 -16.30 -5.49 -38.75
C ASP E 2 -15.97 -6.98 -38.78
N TYR E 3 -16.06 -7.59 -39.96
CA TYR E 3 -15.88 -9.02 -40.15
C TYR E 3 -14.42 -9.38 -40.46
N TYR E 4 -13.92 -10.46 -39.84
CA TYR E 4 -12.57 -10.98 -40.13
C TYR E 4 -12.49 -12.50 -40.00
N ASP E 5 -11.48 -13.08 -40.65
CA ASP E 5 -11.22 -14.52 -40.56
C ASP E 5 -10.42 -14.90 -39.31
N TYR E 6 -9.29 -14.22 -39.09
CA TYR E 6 -8.42 -14.53 -37.96
C TYR E 6 -8.03 -13.27 -37.18
N LEU E 7 -7.63 -13.50 -35.92
CA LEU E 7 -7.14 -12.44 -35.06
C LEU E 7 -5.72 -12.82 -34.65
N PHE E 8 -4.76 -11.96 -35.02
CA PHE E 8 -3.37 -12.13 -34.61
C PHE E 8 -3.02 -11.01 -33.62
N LYS E 9 -2.70 -11.38 -32.39
CA LYS E 9 -2.21 -10.42 -31.41
C LYS E 9 -0.70 -10.16 -31.62
N ILE E 10 -0.33 -8.88 -31.73
CA ILE E 10 1.07 -8.41 -31.91
C ILE E 10 1.46 -7.46 -30.78
N VAL E 11 2.63 -7.66 -30.18
CA VAL E 11 3.11 -6.76 -29.13
C VAL E 11 4.34 -5.93 -29.57
N LEU E 12 4.33 -4.65 -29.19
CA LEU E 12 5.48 -3.76 -29.39
C LEU E 12 6.32 -3.78 -28.12
N ILE E 13 7.64 -3.89 -28.28
CA ILE E 13 8.56 -3.80 -27.13
C ILE E 13 9.85 -3.04 -27.47
N GLY E 14 10.45 -2.44 -26.44
CA GLY E 14 11.71 -1.64 -26.60
C GLY E 14 11.78 -0.46 -25.63
N ASP E 15 12.94 0.21 -25.56
CA ASP E 15 13.13 1.38 -24.67
C ASP E 15 12.12 2.51 -24.91
N SER E 16 11.74 3.24 -23.84
CA SER E 16 10.89 4.41 -24.00
CA SER E 16 10.87 4.39 -24.02
C SER E 16 11.59 5.44 -24.91
N GLY E 17 10.81 6.13 -25.75
CA GLY E 17 11.35 7.15 -26.64
C GLY E 17 11.81 6.67 -28.03
N VAL E 18 11.74 5.38 -28.30
CA VAL E 18 12.15 4.88 -29.62
C VAL E 18 11.11 5.08 -30.75
N GLY E 19 9.83 5.27 -30.39
CA GLY E 19 8.76 5.50 -31.38
C GLY E 19 7.64 4.47 -31.45
N LYS E 20 7.52 3.62 -30.42
CA LYS E 20 6.50 2.54 -30.38
C LYS E 20 5.06 3.04 -30.54
N SER E 21 4.69 4.06 -29.77
CA SER E 21 3.31 4.55 -29.81
C SER E 21 3.01 5.23 -31.16
N ASN E 22 4.03 5.85 -31.77
CA ASN E 22 3.88 6.43 -33.11
C ASN E 22 3.90 5.43 -34.27
N LEU E 23 4.51 4.25 -34.10
CA LEU E 23 4.34 3.15 -35.06
C LEU E 23 2.90 2.61 -34.99
N LEU E 24 2.36 2.49 -33.78
CA LEU E 24 0.98 2.04 -33.59
C LEU E 24 -0.01 3.05 -34.20
N SER E 25 0.13 4.33 -33.88
CA SER E 25 -0.79 5.35 -34.43
C SER E 25 -0.67 5.46 -35.96
N ARG E 26 0.55 5.47 -36.48
CA ARG E 26 0.75 5.58 -37.95
C ARG E 26 0.09 4.43 -38.72
N PHE E 27 0.28 3.19 -38.26
CA PHE E 27 -0.26 2.01 -38.95
C PHE E 27 -1.78 1.83 -38.84
N THR E 28 -2.32 2.04 -37.63
CA THR E 28 -3.75 1.79 -37.38
C THR E 28 -4.66 2.96 -37.79
N ARG E 29 -4.17 4.20 -37.76
CA ARG E 29 -5.01 5.36 -38.09
C ARG E 29 -4.28 6.52 -38.78
N ASP E 30 -3.14 6.23 -39.42
CA ASP E 30 -2.38 7.22 -40.19
C ASP E 30 -2.16 8.53 -39.45
N GLU E 31 -1.96 8.43 -38.13
CA GLU E 31 -1.75 9.60 -37.28
C GLU E 31 -0.36 9.56 -36.64
N PHE E 32 0.19 10.74 -36.37
CA PHE E 32 1.51 10.87 -35.74
C PHE E 32 1.47 12.05 -34.77
N ASN E 33 2.26 11.96 -33.70
CA ASN E 33 2.40 13.05 -32.74
C ASN E 33 3.84 13.33 -32.34
N LEU E 34 4.23 14.61 -32.46
CA LEU E 34 5.52 15.08 -32.01
C LEU E 34 5.68 14.87 -30.50
N GLY E 41 -0.38 3.03 -18.88
CA GLY E 41 0.24 1.73 -18.64
C GLY E 41 0.29 0.85 -19.88
N VAL E 42 -0.88 0.37 -20.33
CA VAL E 42 -1.05 -0.58 -21.44
C VAL E 42 -2.20 -0.14 -22.37
N GLU E 43 -2.04 -0.29 -23.68
CA GLU E 43 -3.11 0.07 -24.63
C GLU E 43 -3.02 -0.71 -25.95
N PHE E 44 -4.13 -0.72 -26.70
CA PHE E 44 -4.19 -1.50 -27.93
C PHE E 44 -4.96 -0.74 -29.03
N ALA E 45 -4.75 -1.17 -30.27
CA ALA E 45 -5.51 -0.66 -31.40
C ALA E 45 -5.51 -1.69 -32.50
N THR E 46 -6.47 -1.52 -33.42
CA THR E 46 -6.77 -2.55 -34.38
C THR E 46 -6.78 -1.99 -35.81
N LYS E 47 -6.49 -2.88 -36.75
CA LYS E 47 -6.48 -2.59 -38.20
C LYS E 47 -6.67 -3.92 -38.91
N SER E 48 -7.44 -3.91 -39.98
CA SER E 48 -7.74 -5.14 -40.72
C SER E 48 -7.10 -5.08 -42.10
N ILE E 49 -6.59 -6.21 -42.58
CA ILE E 49 -6.01 -6.30 -43.92
C ILE E 49 -6.35 -7.65 -44.56
N GLN E 50 -6.48 -7.67 -45.89
CA GLN E 50 -6.79 -8.91 -46.60
CA GLN E 50 -6.80 -8.90 -46.62
C GLN E 50 -5.53 -9.47 -47.27
N LEU E 51 -5.23 -10.75 -46.99
CA LEU E 51 -4.07 -11.44 -47.54
C LEU E 51 -4.39 -12.07 -48.90
N LYS E 55 -8.37 -14.09 -47.44
CA LYS E 55 -8.42 -14.20 -45.99
C LYS E 55 -8.27 -12.81 -45.35
N ILE E 56 -9.07 -12.55 -44.30
CA ILE E 56 -9.05 -11.24 -43.64
C ILE E 56 -8.49 -11.32 -42.21
N ILE E 57 -7.27 -10.83 -42.04
CA ILE E 57 -6.62 -10.83 -40.73
C ILE E 57 -6.94 -9.54 -39.96
N LYS E 58 -7.33 -9.71 -38.69
CA LYS E 58 -7.50 -8.57 -37.79
C LYS E 58 -6.25 -8.43 -36.94
N ALA E 59 -5.54 -7.32 -37.10
CA ALA E 59 -4.28 -7.09 -36.37
C ALA E 59 -4.59 -6.36 -35.07
N GLN E 60 -4.34 -7.05 -33.94
CA GLN E 60 -4.57 -6.48 -32.61
C GLN E 60 -3.22 -6.14 -31.94
N ILE E 61 -2.85 -4.87 -32.02
CA ILE E 61 -1.47 -4.41 -31.70
C ILE E 61 -1.41 -3.68 -30.34
N TRP E 62 -0.45 -4.08 -29.49
CA TRP E 62 -0.34 -3.60 -28.11
C TRP E 62 0.95 -2.79 -27.86
N ASP E 63 0.84 -1.83 -26.94
CA ASP E 63 1.93 -0.92 -26.55
C ASP E 63 1.85 -0.68 -25.03
N THR E 64 3.01 -0.49 -24.40
CA THR E 64 3.09 -0.12 -22.96
C THR E 64 3.98 1.12 -22.72
N ALA E 65 3.69 1.88 -21.67
CA ALA E 65 4.48 3.05 -21.30
C ALA E 65 5.64 2.66 -20.39
N ARG E 71 7.56 -7.12 -14.55
CA ARG E 71 6.34 -6.56 -13.94
C ARG E 71 5.29 -7.62 -13.59
N ALA E 72 4.16 -7.16 -13.03
CA ALA E 72 3.01 -8.04 -12.77
C ALA E 72 2.31 -8.45 -14.07
N ILE E 73 2.11 -7.48 -14.97
CA ILE E 73 1.41 -7.73 -16.23
C ILE E 73 2.27 -8.51 -17.26
N THR E 74 3.55 -8.77 -16.97
CA THR E 74 4.45 -9.40 -17.99
C THR E 74 3.91 -10.72 -18.56
N SER E 75 3.65 -11.71 -17.72
CA SER E 75 3.13 -12.98 -18.25
C SER E 75 1.90 -12.70 -19.13
N ALA E 76 1.05 -11.81 -18.62
CA ALA E 76 -0.22 -11.46 -19.23
C ALA E 76 -0.10 -10.64 -20.52
N TYR E 77 0.81 -9.66 -20.53
CA TYR E 77 1.09 -8.85 -21.72
C TYR E 77 1.51 -9.72 -22.91
N TYR E 78 2.39 -10.70 -22.67
CA TYR E 78 2.85 -11.59 -23.75
C TYR E 78 1.88 -12.72 -24.14
N ARG E 79 0.96 -13.08 -23.24
CA ARG E 79 0.14 -14.28 -23.42
C ARG E 79 -0.68 -14.21 -24.72
N GLY E 80 -0.54 -15.21 -25.58
CA GLY E 80 -1.29 -15.28 -26.84
C GLY E 80 -0.76 -14.43 -27.99
N ALA E 81 0.38 -13.78 -27.79
CA ALA E 81 1.00 -12.97 -28.85
C ALA E 81 1.61 -13.91 -29.90
N VAL E 82 1.20 -13.74 -31.15
CA VAL E 82 1.71 -14.58 -32.24
C VAL E 82 2.74 -13.80 -33.08
N GLY E 83 2.95 -12.52 -32.75
CA GLY E 83 3.97 -11.66 -33.37
C GLY E 83 4.51 -10.57 -32.44
N ALA E 84 5.70 -10.07 -32.75
CA ALA E 84 6.26 -8.97 -31.98
C ALA E 84 7.17 -8.11 -32.80
N LEU E 85 7.20 -6.83 -32.44
CA LEU E 85 8.13 -5.84 -32.99
C LEU E 85 9.10 -5.47 -31.86
N LEU E 86 10.38 -5.73 -32.08
CA LEU E 86 11.43 -5.39 -31.12
C LEU E 86 12.08 -4.10 -31.68
N VAL E 87 11.84 -2.96 -31.03
CA VAL E 87 12.18 -1.62 -31.61
C VAL E 87 13.31 -0.89 -30.90
N TYR E 88 14.23 -0.35 -31.69
CA TYR E 88 15.27 0.57 -31.22
C TYR E 88 15.25 1.83 -32.09
N ASP E 89 16.04 2.81 -31.70
CA ASP E 89 16.13 4.12 -32.37
C ASP E 89 17.53 4.16 -33.00
N ILE E 90 17.60 4.34 -34.34
CA ILE E 90 18.88 4.26 -35.08
C ILE E 90 19.89 5.36 -34.63
N THR E 91 19.36 6.41 -34.00
CA THR E 91 20.17 7.53 -33.52
C THR E 91 20.60 7.43 -32.03
N LYS E 92 20.20 6.36 -31.34
CA LYS E 92 20.50 6.18 -29.91
C LYS E 92 21.15 4.83 -29.64
N LYS E 93 22.48 4.81 -29.51
CA LYS E 93 23.21 3.52 -29.40
C LYS E 93 22.70 2.64 -28.24
N ASN E 94 22.41 3.23 -27.10
CA ASN E 94 22.02 2.42 -25.95
C ASN E 94 20.67 1.68 -26.17
N SER E 95 19.79 2.27 -26.98
CA SER E 95 18.51 1.63 -27.31
C SER E 95 18.71 0.33 -28.10
N PHE E 96 19.77 0.27 -28.92
CA PHE E 96 20.14 -0.97 -29.64
C PHE E 96 20.86 -1.94 -28.69
N GLU E 97 21.79 -1.43 -27.90
CA GLU E 97 22.43 -2.24 -26.85
C GLU E 97 21.41 -2.97 -25.92
N ASN E 98 20.31 -2.30 -25.58
CA ASN E 98 19.24 -2.91 -24.73
C ASN E 98 18.36 -3.99 -25.41
N ILE E 99 18.46 -4.14 -26.75
CA ILE E 99 17.62 -5.10 -27.49
C ILE E 99 17.75 -6.54 -26.99
N GLU E 100 18.98 -7.01 -26.76
CA GLU E 100 19.18 -8.38 -26.23
C GLU E 100 18.39 -8.65 -24.92
N LYS E 101 18.27 -7.63 -24.08
CA LYS E 101 17.48 -7.71 -22.83
C LYS E 101 15.99 -7.83 -23.05
N TRP E 102 15.44 -7.04 -23.98
CA TRP E 102 14.04 -7.17 -24.36
C TRP E 102 13.76 -8.53 -25.00
N LEU E 103 14.71 -9.03 -25.81
CA LEU E 103 14.58 -10.36 -26.43
C LEU E 103 14.56 -11.46 -25.38
N LYS E 104 15.37 -11.34 -24.33
CA LYS E 104 15.37 -12.31 -23.22
C LYS E 104 14.00 -12.37 -22.55
N GLU E 105 13.45 -11.20 -22.24
CA GLU E 105 12.09 -11.08 -21.65
C GLU E 105 11.05 -11.78 -22.53
N LEU E 106 11.16 -11.58 -23.84
CA LEU E 106 10.29 -12.24 -24.79
C LEU E 106 10.47 -13.77 -24.83
N ARG E 107 11.72 -14.24 -24.84
CA ARG E 107 11.99 -15.68 -24.81
C ARG E 107 11.44 -16.32 -23.52
N ASP E 108 11.52 -15.58 -22.42
CA ASP E 108 11.01 -16.10 -21.14
C ASP E 108 9.47 -16.13 -21.05
N ASN E 109 8.76 -15.35 -21.86
CA ASN E 109 7.30 -15.14 -21.67
C ASN E 109 6.36 -15.42 -22.84
N ALA E 110 6.89 -15.49 -24.05
CA ALA E 110 6.08 -15.68 -25.24
C ALA E 110 6.12 -17.13 -25.71
N ASP E 111 5.10 -17.54 -26.48
CA ASP E 111 5.07 -18.84 -27.16
C ASP E 111 6.33 -19.06 -27.98
N SER E 112 6.77 -20.32 -28.06
CA SER E 112 8.03 -20.65 -28.75
C SER E 112 7.98 -20.41 -30.26
N ASN E 113 6.78 -20.36 -30.85
CA ASN E 113 6.62 -20.10 -32.28
C ASN E 113 6.29 -18.64 -32.67
N ILE E 114 6.36 -17.73 -31.70
CA ILE E 114 6.19 -16.30 -32.01
C ILE E 114 7.16 -15.86 -33.12
N VAL E 115 6.67 -15.05 -34.07
CA VAL E 115 7.49 -14.47 -35.15
C VAL E 115 7.91 -13.06 -34.72
N ILE E 116 9.21 -12.76 -34.81
CA ILE E 116 9.77 -11.52 -34.28
C ILE E 116 10.45 -10.69 -35.37
N LEU E 117 10.10 -9.40 -35.43
CA LEU E 117 10.64 -8.45 -36.38
C LEU E 117 11.42 -7.36 -35.61
N LEU E 118 12.74 -7.31 -35.84
CA LEU E 118 13.62 -6.24 -35.33
C LEU E 118 13.35 -4.98 -36.17
N VAL E 119 13.08 -3.86 -35.49
CA VAL E 119 12.79 -2.58 -36.15
C VAL E 119 13.75 -1.45 -35.69
N GLY E 120 14.49 -0.89 -36.64
CA GLY E 120 15.29 0.31 -36.38
C GLY E 120 14.47 1.51 -36.83
N ASN E 121 13.94 2.28 -35.88
CA ASN E 121 13.06 3.44 -36.17
C ASN E 121 13.79 4.78 -36.24
N LYS E 122 13.13 5.76 -36.85
CA LYS E 122 13.69 7.11 -37.06
C LYS E 122 14.72 7.20 -38.18
N SER E 123 14.46 6.46 -39.26
CA SER E 123 15.38 6.40 -40.38
C SER E 123 15.43 7.72 -41.18
N ASP E 124 14.43 8.58 -40.97
CA ASP E 124 14.43 9.94 -41.55
C ASP E 124 15.59 10.83 -41.06
N LEU E 125 16.07 10.57 -39.84
CA LEU E 125 17.18 11.36 -39.24
C LEU E 125 18.56 10.87 -39.73
N LYS E 126 18.75 11.00 -41.04
CA LYS E 126 19.92 10.53 -41.80
C LYS E 126 21.26 11.00 -41.23
N HIS E 127 21.30 12.28 -40.88
CA HIS E 127 22.46 12.95 -40.30
C HIS E 127 22.87 12.49 -38.89
N LEU E 128 21.99 11.78 -38.18
CA LEU E 128 22.18 11.41 -36.77
C LEU E 128 22.33 9.90 -36.50
N ARG E 129 22.28 9.09 -37.57
CA ARG E 129 22.42 7.62 -37.47
C ARG E 129 23.71 7.22 -36.75
N VAL E 130 23.59 6.33 -35.76
CA VAL E 130 24.76 5.69 -35.13
C VAL E 130 24.77 4.14 -35.17
N ILE E 131 23.66 3.49 -35.56
CA ILE E 131 23.66 2.03 -35.76
C ILE E 131 23.66 1.66 -37.27
N ASN E 132 24.74 1.00 -37.69
CA ASN E 132 24.87 0.56 -39.09
CA ASN E 132 24.92 0.53 -39.06
C ASN E 132 23.98 -0.66 -39.37
N ASP E 133 23.34 -0.66 -40.53
CA ASP E 133 22.37 -1.71 -40.86
CA ASP E 133 22.37 -1.71 -40.83
C ASP E 133 23.00 -3.10 -40.93
N ASN E 134 24.28 -3.17 -41.32
CA ASN E 134 25.02 -4.44 -41.36
CA ASN E 134 24.94 -4.48 -41.37
C ASN E 134 25.12 -5.09 -39.99
N ASP E 135 25.35 -4.26 -38.97
CA ASP E 135 25.48 -4.76 -37.60
C ASP E 135 24.14 -5.31 -37.06
N ALA E 136 23.04 -4.64 -37.41
CA ALA E 136 21.71 -5.13 -37.02
C ALA E 136 21.36 -6.39 -37.82
N THR E 137 21.71 -6.43 -39.11
CA THR E 137 21.46 -7.63 -39.92
C THR E 137 22.17 -8.87 -39.34
N GLN E 138 23.44 -8.69 -38.96
CA GLN E 138 24.26 -9.77 -38.40
C GLN E 138 23.65 -10.35 -37.12
N TYR E 139 23.19 -9.47 -36.23
CA TYR E 139 22.46 -9.87 -35.01
C TYR E 139 21.14 -10.60 -35.28
N ALA E 140 20.34 -10.07 -36.22
CA ALA E 140 19.09 -10.68 -36.62
C ALA E 140 19.29 -12.09 -37.17
N LYS E 141 20.38 -12.32 -37.89
CA LYS E 141 20.67 -13.65 -38.43
C LYS E 141 20.98 -14.66 -37.31
N LYS E 142 21.73 -14.20 -36.31
CA LYS E 142 22.08 -14.99 -35.12
C LYS E 142 20.87 -15.45 -34.30
N GLU E 143 19.91 -14.55 -34.11
CA GLU E 143 18.73 -14.84 -33.29
C GLU E 143 17.49 -15.23 -34.10
N LYS E 144 17.63 -15.34 -35.43
CA LYS E 144 16.55 -15.63 -36.37
CA LYS E 144 16.53 -15.67 -36.33
C LYS E 144 15.37 -14.68 -36.20
N LEU E 145 15.65 -13.42 -36.48
CA LEU E 145 14.67 -12.33 -36.50
C LEU E 145 14.65 -11.75 -37.91
N ALA E 146 13.48 -11.32 -38.36
CA ALA E 146 13.40 -10.42 -39.53
C ALA E 146 13.97 -9.03 -39.10
N PHE E 147 14.36 -8.19 -40.06
CA PHE E 147 14.91 -6.84 -39.76
C PHE E 147 14.51 -5.85 -40.83
N ILE E 148 13.95 -4.72 -40.41
CA ILE E 148 13.61 -3.59 -41.29
C ILE E 148 13.88 -2.26 -40.55
N GLU E 149 14.18 -1.20 -41.32
CA GLU E 149 14.27 0.16 -40.77
C GLU E 149 13.03 0.98 -41.21
N THR E 150 12.46 1.72 -40.26
CA THR E 150 11.20 2.46 -40.45
C THR E 150 11.37 3.94 -40.12
N SER E 151 10.46 4.78 -40.63
CA SER E 151 10.23 6.12 -40.12
C SER E 151 8.73 6.27 -39.84
N ALA E 152 8.35 6.29 -38.58
CA ALA E 152 6.95 6.57 -38.23
C ALA E 152 6.61 7.99 -38.68
N LEU E 153 7.59 8.90 -38.61
CA LEU E 153 7.36 10.30 -38.96
C LEU E 153 6.96 10.47 -40.44
N GLU E 154 7.75 9.90 -41.35
CA GLU E 154 7.51 10.01 -42.80
C GLU E 154 6.70 8.83 -43.39
N ALA E 155 6.36 7.85 -42.54
CA ALA E 155 5.61 6.63 -42.92
C ALA E 155 6.46 5.53 -43.58
N THR E 156 7.73 5.81 -43.85
CA THR E 156 8.63 4.91 -44.58
C THR E 156 8.69 3.48 -43.97
N ASN E 157 8.28 2.49 -44.77
CA ASN E 157 8.39 1.06 -44.40
C ASN E 157 7.46 0.55 -43.27
N VAL E 158 6.59 1.43 -42.75
CA VAL E 158 5.63 1.01 -41.71
C VAL E 158 4.63 -0.02 -42.25
N GLU E 159 4.03 0.24 -43.42
CA GLU E 159 3.17 -0.79 -44.03
C GLU E 159 3.93 -2.07 -44.39
N LEU E 160 5.13 -1.95 -44.97
CA LEU E 160 5.92 -3.14 -45.29
C LEU E 160 6.24 -3.96 -44.03
N ALA E 161 6.55 -3.28 -42.94
CA ALA E 161 6.90 -3.94 -41.68
C ALA E 161 5.74 -4.82 -41.16
N PHE E 162 4.58 -4.21 -40.97
CA PHE E 162 3.43 -4.93 -40.40
C PHE E 162 2.91 -6.00 -41.38
N HIS E 163 2.81 -5.65 -42.65
CA HIS E 163 2.35 -6.60 -43.66
C HIS E 163 3.22 -7.84 -43.75
N GLN E 164 4.55 -7.68 -43.79
CA GLN E 164 5.47 -8.83 -43.82
C GLN E 164 5.30 -9.75 -42.58
N LEU E 165 5.29 -9.14 -41.39
CA LEU E 165 5.09 -9.87 -40.13
C LEU E 165 3.77 -10.66 -40.13
N LEU E 166 2.68 -10.01 -40.54
CA LEU E 166 1.36 -10.67 -40.56
C LEU E 166 1.32 -11.89 -41.50
N ASN E 167 1.92 -11.80 -42.68
CA ASN E 167 1.93 -12.92 -43.64
C ASN E 167 2.79 -14.10 -43.17
N GLU E 168 3.90 -13.81 -42.50
CA GLU E 168 4.75 -14.85 -41.95
C GLU E 168 4.07 -15.59 -40.79
N ILE E 169 3.33 -14.86 -39.97
CA ILE E 169 2.53 -15.47 -38.91
C ILE E 169 1.48 -16.39 -39.53
N TYR E 170 0.80 -15.89 -40.57
CA TYR E 170 -0.20 -16.69 -41.30
C TYR E 170 0.40 -18.02 -41.74
N ASN E 171 1.54 -17.95 -42.43
CA ASN E 171 2.30 -19.16 -42.80
C ASN E 171 2.50 -20.11 -41.61
N VAL E 172 3.15 -19.62 -40.56
CA VAL E 172 3.39 -20.43 -39.36
C VAL E 172 2.04 -20.83 -38.74
#